data_6ZYZ
#
_entry.id   6ZYZ
#
_cell.length_a   196.841
_cell.length_b   196.841
_cell.length_c   65.267
_cell.angle_alpha   90.000
_cell.angle_beta   90.000
_cell.angle_gamma   120.000
#
_symmetry.space_group_name_H-M   'P 65'
#
loop_
_entity.id
_entity.type
_entity.pdbx_description
1 polymer 'Borneol dehydrogenase from salvia rosmarinus'
2 non-polymer (2S)-1-[3-{[(2R)-2-hydroxypropyl]oxy}-2,2-bis({[(2R)-2-hydroxypropyl]oxy}methyl)propoxy]propan-2-ol
3 non-polymer NICOTINAMIDE-ADENINE-DINUCLEOTIDE
4 non-polymer 'CHLORIDE ION'
5 water water
#
_entity_poly.entity_id   1
_entity_poly.type   'polypeptide(L)'
_entity_poly.pdbx_seq_one_letter_code
;MGSSHHHHHHSSGLVPRGSHMSCNTAVSRRLEGKVAIVTGGASGIGASTVRLFHDHGAKVVIADIQDDLGQTLADRLGRN
ISYTHCDVTDEDQVRALVDAAVAKHGGVDIMFSNAGIVEGPNSIFDVDKDELERLMGINLVGAFLAAKHAARVMVPAKKG
CIIFTASACTEIAGIAGHSYTASKYGIVGLMKSLAVELGSHGIRANCVSPFGVLTGIVPDDEASKLMFEGIMSKVGNLKG
KILTAEDVAVTVLYLASEEASYVSGVNLLVDGGYTVVNPTFINVITAGQS
;
_entity_poly.pdbx_strand_id   A,B,C,D
#
loop_
_chem_comp.id
_chem_comp.type
_chem_comp.name
_chem_comp.formula
CL non-polymer 'CHLORIDE ION' 'Cl -1'
NAD non-polymer NICOTINAMIDE-ADENINE-DINUCLEOTIDE 'C21 H27 N7 O14 P2'
PXN non-polymer (2S)-1-[3-{[(2R)-2-hydroxypropyl]oxy}-2,2-bis({[(2R)-2-hydroxypropyl]oxy}methyl)propoxy]propan-2-ol 'C17 H36 O8'
#
# COMPACT_ATOMS: atom_id res chain seq x y z
N ARG A 29 22.64 -4.33 -27.47
CA ARG A 29 22.18 -2.94 -27.38
C ARG A 29 22.08 -2.37 -25.96
N ARG A 30 21.02 -2.71 -25.21
CA ARG A 30 20.64 -1.94 -24.03
C ARG A 30 21.48 -2.22 -22.78
N LEU A 31 22.20 -3.33 -22.74
CA LEU A 31 23.06 -3.68 -21.61
C LEU A 31 24.49 -3.90 -22.06
N GLU A 32 24.91 -3.16 -23.10
CA GLU A 32 26.24 -3.29 -23.68
C GLU A 32 27.31 -3.08 -22.64
N GLY A 33 28.18 -4.09 -22.45
CA GLY A 33 29.29 -3.99 -21.53
C GLY A 33 28.93 -4.18 -20.07
N LYS A 34 27.64 -4.30 -19.74
CA LYS A 34 27.20 -4.53 -18.38
C LYS A 34 27.48 -5.97 -17.95
N VAL A 35 27.81 -6.15 -16.68
CA VAL A 35 28.02 -7.46 -16.09
C VAL A 35 26.86 -7.77 -15.15
N ALA A 36 26.24 -8.94 -15.31
CA ALA A 36 25.10 -9.36 -14.51
C ALA A 36 25.32 -10.74 -13.91
N ILE A 37 24.85 -10.94 -12.68
CA ILE A 37 24.77 -12.26 -12.08
C ILE A 37 23.29 -12.61 -11.95
N VAL A 38 22.94 -13.86 -12.26
CA VAL A 38 21.55 -14.31 -12.19
C VAL A 38 21.51 -15.59 -11.36
N THR A 39 20.98 -15.50 -10.13
CA THR A 39 20.76 -16.71 -9.34
C THR A 39 19.48 -17.40 -9.80
N GLY A 40 19.44 -18.70 -9.62
CA GLY A 40 18.42 -19.49 -10.29
C GLY A 40 18.45 -19.29 -11.80
N GLY A 41 19.63 -19.10 -12.38
CA GLY A 41 19.70 -18.77 -13.80
C GLY A 41 19.57 -19.95 -14.77
N ALA A 42 19.54 -21.19 -14.29
CA ALA A 42 19.58 -22.32 -15.22
C ALA A 42 18.22 -22.69 -15.80
N SER A 43 17.13 -22.18 -15.24
CA SER A 43 15.81 -22.55 -15.73
C SER A 43 14.84 -21.40 -15.48
N GLY A 44 13.72 -21.44 -16.20
CA GLY A 44 12.58 -20.60 -15.87
C GLY A 44 12.87 -19.14 -16.14
N ILE A 45 12.41 -18.28 -15.23
CA ILE A 45 12.60 -16.85 -15.38
C ILE A 45 14.09 -16.50 -15.40
N GLY A 46 14.88 -17.17 -14.58
CA GLY A 46 16.32 -16.93 -14.59
C GLY A 46 16.94 -17.23 -15.95
N ALA A 47 16.64 -18.42 -16.50
CA ALA A 47 17.15 -18.77 -17.83
C ALA A 47 16.66 -17.80 -18.90
N SER A 48 15.37 -17.43 -18.87
CA SER A 48 14.87 -16.47 -19.84
C SER A 48 15.63 -15.16 -19.73
N THR A 49 15.84 -14.69 -18.50
CA THR A 49 16.53 -13.41 -18.31
C THR A 49 17.98 -13.51 -18.76
N VAL A 50 18.65 -14.63 -18.45
CA VAL A 50 20.00 -14.86 -18.95
C VAL A 50 20.03 -14.74 -20.47
N ARG A 51 19.07 -15.38 -21.16
CA ARG A 51 19.06 -15.32 -22.62
C ARG A 51 18.82 -13.90 -23.11
N LEU A 52 17.86 -13.19 -22.52
CA LEU A 52 17.58 -11.81 -22.93
C LEU A 52 18.74 -10.87 -22.61
N PHE A 53 19.39 -11.05 -21.45
CA PHE A 53 20.56 -10.24 -21.13
C PHE A 53 21.67 -10.48 -22.15
N HIS A 54 21.91 -11.75 -22.48
CA HIS A 54 22.86 -12.09 -23.54
C HIS A 54 22.52 -11.37 -24.85
N ASP A 55 21.23 -11.35 -25.21
CA ASP A 55 20.84 -10.70 -26.46
C ASP A 55 21.10 -9.20 -26.44
N HIS A 56 21.24 -8.61 -25.25
CA HIS A 56 21.43 -7.17 -25.16
C HIS A 56 22.85 -6.79 -24.79
N GLY A 57 23.80 -7.70 -25.02
CA GLY A 57 25.20 -7.38 -24.93
C GLY A 57 25.78 -7.46 -23.55
N ALA A 58 25.07 -8.07 -22.61
CA ALA A 58 25.53 -8.17 -21.24
C ALA A 58 26.45 -9.38 -21.11
N LYS A 59 27.39 -9.27 -20.17
CA LYS A 59 28.12 -10.43 -19.70
C LYS A 59 27.36 -10.98 -18.50
N VAL A 60 27.05 -12.28 -18.55
CA VAL A 60 26.16 -12.89 -17.58
C VAL A 60 26.88 -14.06 -16.96
N VAL A 61 26.84 -14.14 -15.63
CA VAL A 61 27.25 -15.33 -14.88
C VAL A 61 25.97 -16.01 -14.39
N ILE A 62 25.74 -17.22 -14.87
CA ILE A 62 24.61 -18.04 -14.41
C ILE A 62 25.04 -18.67 -13.10
N ALA A 63 24.25 -18.46 -12.04
CA ALA A 63 24.54 -19.00 -10.71
C ALA A 63 23.40 -19.92 -10.32
N ASP A 64 23.71 -21.19 -10.07
CA ASP A 64 22.65 -22.16 -9.81
C ASP A 64 23.26 -23.40 -9.18
N ILE A 65 22.39 -24.36 -8.88
CA ILE A 65 22.81 -25.68 -8.43
C ILE A 65 22.39 -26.77 -9.40
N GLN A 66 21.83 -26.41 -10.54
CA GLN A 66 21.52 -27.37 -11.59
C GLN A 66 22.63 -27.33 -12.63
N ASP A 67 23.74 -27.99 -12.28
CA ASP A 67 24.99 -27.83 -13.01
C ASP A 67 24.85 -28.25 -14.47
N ASP A 68 24.11 -29.33 -14.75
CA ASP A 68 23.92 -29.76 -16.13
C ASP A 68 23.16 -28.72 -16.96
N LEU A 69 21.97 -28.35 -16.49
CA LEU A 69 21.17 -27.33 -17.16
C LEU A 69 21.93 -26.01 -17.26
N GLY A 70 22.60 -25.60 -16.18
CA GLY A 70 23.26 -24.30 -16.19
C GLY A 70 24.46 -24.25 -17.11
N GLN A 71 25.32 -25.28 -17.06
CA GLN A 71 26.49 -25.31 -17.93
C GLN A 71 26.08 -25.42 -19.39
N THR A 72 25.08 -26.25 -19.70
CA THR A 72 24.61 -26.37 -21.08
C THR A 72 24.19 -25.01 -21.63
N LEU A 73 23.41 -24.25 -20.84
CA LEU A 73 22.96 -22.95 -21.29
C LEU A 73 24.13 -22.01 -21.54
N ALA A 74 25.10 -21.98 -20.63
CA ALA A 74 26.23 -21.07 -20.78
C ALA A 74 27.05 -21.40 -22.02
N ASP A 75 27.28 -22.69 -22.28
CA ASP A 75 28.02 -23.11 -23.47
C ASP A 75 27.29 -22.69 -24.74
N ARG A 76 25.96 -22.88 -24.79
CA ARG A 76 25.21 -22.54 -26.01
C ARG A 76 25.31 -21.07 -26.35
N LEU A 77 25.37 -20.22 -25.33
CA LEU A 77 25.26 -18.78 -25.52
C LEU A 77 26.61 -18.11 -25.78
N GLY A 78 27.71 -18.79 -25.50
CA GLY A 78 28.96 -18.24 -25.98
C GLY A 78 29.86 -17.65 -24.93
N ARG A 79 30.74 -16.74 -25.39
CA ARG A 79 31.88 -16.31 -24.59
C ARG A 79 31.45 -15.45 -23.40
N ASN A 80 30.40 -14.63 -23.57
CA ASN A 80 30.00 -13.68 -22.55
C ASN A 80 29.21 -14.32 -21.41
N ILE A 81 28.80 -15.58 -21.54
CA ILE A 81 27.96 -16.24 -20.55
C ILE A 81 28.74 -17.40 -19.95
N SER A 82 28.85 -17.40 -18.63
CA SER A 82 29.53 -18.48 -17.93
C SER A 82 28.56 -19.07 -16.92
N TYR A 83 28.94 -20.21 -16.37
CA TYR A 83 28.16 -20.88 -15.32
C TYR A 83 29.03 -21.07 -14.08
N THR A 84 28.43 -20.77 -12.93
CA THR A 84 29.08 -20.95 -11.63
C THR A 84 28.13 -21.68 -10.69
N HIS A 85 28.59 -22.80 -10.12
CA HIS A 85 27.77 -23.46 -9.11
C HIS A 85 27.68 -22.59 -7.87
N CYS A 86 26.46 -22.33 -7.41
CA CYS A 86 26.33 -21.52 -6.21
C CYS A 86 25.02 -21.87 -5.52
N ASP A 87 25.12 -22.52 -4.38
CA ASP A 87 24.00 -22.69 -3.46
C ASP A 87 23.87 -21.42 -2.65
N VAL A 88 22.75 -20.69 -2.85
CA VAL A 88 22.59 -19.37 -2.27
C VAL A 88 22.41 -19.40 -0.76
N THR A 89 22.21 -20.59 -0.16
CA THR A 89 22.21 -20.70 1.30
C THR A 89 23.63 -20.80 1.87
N ASP A 90 24.65 -20.92 1.03
CA ASP A 90 26.04 -21.05 1.47
C ASP A 90 26.73 -19.71 1.24
N GLU A 91 27.04 -18.99 2.33
CA GLU A 91 27.61 -17.66 2.17
C GLU A 91 28.99 -17.73 1.51
N ASP A 92 29.76 -18.78 1.77
CA ASP A 92 31.06 -18.89 1.15
C ASP A 92 30.94 -19.01 -0.38
N GLN A 93 29.93 -19.75 -0.85
CA GLN A 93 29.70 -19.87 -2.30
C GLN A 93 29.18 -18.57 -2.90
N VAL A 94 28.31 -17.86 -2.16
CA VAL A 94 27.82 -16.56 -2.62
C VAL A 94 28.96 -15.54 -2.68
N ARG A 95 29.82 -15.50 -1.65
CA ARG A 95 30.96 -14.57 -1.67
C ARG A 95 31.90 -14.93 -2.80
N ALA A 96 32.23 -16.22 -2.94
CA ALA A 96 33.10 -16.67 -4.02
C ALA A 96 32.52 -16.31 -5.38
N LEU A 97 31.20 -16.45 -5.54
CA LEU A 97 30.58 -16.18 -6.83
C LEU A 97 30.76 -14.72 -7.24
N VAL A 98 30.53 -13.80 -6.31
CA VAL A 98 30.67 -12.38 -6.63
C VAL A 98 32.14 -12.00 -6.82
N ASP A 99 33.03 -12.51 -5.96
CA ASP A 99 34.45 -12.20 -6.09
C ASP A 99 35.01 -12.72 -7.43
N ALA A 100 34.57 -13.91 -7.86
CA ALA A 100 34.98 -14.46 -9.15
C ALA A 100 34.45 -13.61 -10.31
N ALA A 101 33.23 -13.08 -10.17
CA ALA A 101 32.67 -12.23 -11.21
C ALA A 101 33.49 -10.95 -11.37
N VAL A 102 33.91 -10.34 -10.27
CA VAL A 102 34.75 -9.16 -10.36
C VAL A 102 36.09 -9.53 -10.99
N ALA A 103 36.70 -10.63 -10.50
CA ALA A 103 37.96 -11.10 -11.05
C ALA A 103 37.87 -11.33 -12.55
N LYS A 104 36.74 -11.88 -13.01
CA LYS A 104 36.62 -12.19 -14.43
C LYS A 104 36.26 -10.95 -15.26
N HIS A 105 35.29 -10.16 -14.81
CA HIS A 105 34.76 -9.08 -15.65
C HIS A 105 35.04 -7.68 -15.10
N GLY A 106 35.59 -7.54 -13.89
CA GLY A 106 35.92 -6.24 -13.39
C GLY A 106 34.87 -5.58 -12.51
N GLY A 107 33.70 -6.19 -12.37
CA GLY A 107 32.66 -5.62 -11.55
C GLY A 107 31.33 -6.29 -11.85
N VAL A 108 30.32 -5.88 -11.07
CA VAL A 108 28.96 -6.38 -11.23
C VAL A 108 28.01 -5.18 -11.35
N ASP A 109 27.34 -5.06 -12.50
CA ASP A 109 26.36 -4.00 -12.69
C ASP A 109 24.96 -4.39 -12.21
N ILE A 110 24.59 -5.65 -12.36
CA ILE A 110 23.23 -6.12 -12.11
C ILE A 110 23.33 -7.40 -11.30
N MET A 111 22.70 -7.42 -10.13
CA MET A 111 22.48 -8.67 -9.40
C MET A 111 20.99 -8.98 -9.49
N PHE A 112 20.64 -10.04 -10.20
CA PHE A 112 19.26 -10.50 -10.30
C PHE A 112 19.15 -11.70 -9.36
N SER A 113 18.77 -11.42 -8.12
CA SER A 113 18.56 -12.43 -7.09
C SER A 113 17.20 -13.07 -7.35
N ASN A 114 17.21 -14.24 -8.01
CA ASN A 114 16.00 -14.85 -8.53
C ASN A 114 15.74 -16.28 -8.03
N ALA A 115 16.74 -16.93 -7.41
CA ALA A 115 16.60 -18.29 -6.91
C ALA A 115 15.53 -18.39 -5.82
N GLY A 116 14.69 -19.41 -5.92
CA GLY A 116 13.71 -19.66 -4.87
C GLY A 116 12.90 -20.88 -5.19
N ILE A 117 12.18 -21.37 -4.19
CA ILE A 117 11.24 -22.46 -4.40
C ILE A 117 9.84 -21.94 -4.13
N VAL A 118 8.84 -22.57 -4.77
CA VAL A 118 7.48 -22.05 -4.85
C VAL A 118 6.50 -22.96 -4.10
N GLU A 119 5.44 -22.35 -3.58
CA GLU A 119 4.33 -23.06 -2.95
C GLU A 119 3.02 -22.46 -3.43
N GLY A 120 2.10 -23.29 -3.91
CA GLY A 120 0.75 -22.83 -4.16
C GLY A 120 -0.06 -22.71 -2.88
N PRO A 121 -1.26 -22.13 -2.99
CA PRO A 121 -2.10 -21.94 -1.80
C PRO A 121 -2.22 -23.21 -0.99
N ASN A 122 -2.11 -23.07 0.33
CA ASN A 122 -2.17 -24.20 1.23
C ASN A 122 -2.76 -23.75 2.55
N SER A 123 -2.76 -24.64 3.52
CA SER A 123 -3.33 -24.37 4.82
C SER A 123 -2.21 -24.24 5.83
N ILE A 124 -2.47 -23.44 6.88
CA ILE A 124 -1.51 -23.27 7.97
C ILE A 124 -1.29 -24.60 8.68
N PHE A 125 -2.28 -25.51 8.66
CA PHE A 125 -2.08 -26.85 9.22
C PHE A 125 -1.05 -27.66 8.43
N ASP A 126 -0.79 -27.30 7.18
CA ASP A 126 0.22 -27.95 6.36
C ASP A 126 1.64 -27.41 6.56
N VAL A 127 1.84 -26.36 7.36
CA VAL A 127 3.16 -25.77 7.45
C VAL A 127 4.02 -26.65 8.34
N ASP A 128 5.05 -27.26 7.75
CA ASP A 128 6.01 -28.08 8.46
C ASP A 128 7.24 -27.24 8.77
N LYS A 129 7.67 -27.25 10.04
CA LYS A 129 8.70 -26.30 10.49
C LYS A 129 10.00 -26.46 9.70
N ASP A 130 10.39 -27.70 9.40
CA ASP A 130 11.61 -27.91 8.66
C ASP A 130 11.46 -27.42 7.21
N GLU A 131 10.29 -27.61 6.62
N GLU A 131 10.29 -27.64 6.62
CA GLU A 131 10.10 -27.11 5.26
CA GLU A 131 10.03 -27.13 5.26
C GLU A 131 10.01 -25.58 5.23
C GLU A 131 9.97 -25.61 5.23
N LEU A 132 9.40 -24.99 6.27
CA LEU A 132 9.41 -23.53 6.38
C LEU A 132 10.84 -23.00 6.46
N GLU A 133 11.67 -23.60 7.30
CA GLU A 133 13.03 -23.10 7.47
C GLU A 133 13.86 -23.31 6.21
N ARG A 134 13.63 -24.43 5.51
CA ARG A 134 14.33 -24.69 4.26
C ARG A 134 13.96 -23.65 3.20
N LEU A 135 12.68 -23.36 3.06
CA LEU A 135 12.26 -22.37 2.08
C LEU A 135 12.77 -20.98 2.48
N MET A 136 12.71 -20.64 3.78
CA MET A 136 13.24 -19.36 4.22
C MET A 136 14.73 -19.25 3.90
N GLY A 137 15.49 -20.33 4.09
CA GLY A 137 16.91 -20.29 3.78
C GLY A 137 17.17 -19.99 2.32
N ILE A 138 16.46 -20.67 1.41
CA ILE A 138 16.66 -20.45 -0.02
C ILE A 138 16.06 -19.11 -0.44
N ASN A 139 14.78 -18.88 -0.11
CA ASN A 139 14.05 -17.74 -0.65
C ASN A 139 14.49 -16.43 -0.03
N LEU A 140 14.58 -16.37 1.31
CA LEU A 140 14.81 -15.10 2.01
C LEU A 140 16.24 -14.94 2.49
N VAL A 141 16.83 -15.95 3.14
CA VAL A 141 18.24 -15.82 3.53
C VAL A 141 19.12 -15.73 2.28
N GLY A 142 18.79 -16.50 1.23
CA GLY A 142 19.56 -16.41 -0.01
C GLY A 142 19.53 -15.04 -0.63
N ALA A 143 18.38 -14.36 -0.56
CA ALA A 143 18.28 -12.99 -1.05
C ALA A 143 19.16 -12.04 -0.25
N PHE A 144 19.20 -12.20 1.08
CA PHE A 144 20.10 -11.38 1.91
C PHE A 144 21.55 -11.55 1.47
N LEU A 145 21.98 -12.80 1.25
CA LEU A 145 23.37 -13.05 0.93
C LEU A 145 23.73 -12.50 -0.44
N ALA A 146 22.87 -12.73 -1.45
CA ALA A 146 23.12 -12.16 -2.78
C ALA A 146 23.21 -10.64 -2.72
N ALA A 147 22.31 -10.01 -1.96
CA ALA A 147 22.34 -8.55 -1.90
C ALA A 147 23.55 -8.06 -1.10
N LYS A 148 23.84 -8.70 0.04
CA LYS A 148 25.00 -8.31 0.84
C LYS A 148 26.27 -8.32 -0.02
N HIS A 149 26.51 -9.39 -0.76
CA HIS A 149 27.78 -9.52 -1.46
C HIS A 149 27.79 -8.75 -2.78
N ALA A 150 26.64 -8.55 -3.41
CA ALA A 150 26.57 -7.61 -4.53
C ALA A 150 26.86 -6.19 -4.06
N ALA A 151 26.22 -5.77 -2.96
CA ALA A 151 26.43 -4.43 -2.44
C ALA A 151 27.90 -4.19 -2.11
N ARG A 152 28.56 -5.21 -1.57
CA ARG A 152 29.98 -5.08 -1.24
C ARG A 152 30.81 -4.65 -2.45
N VAL A 153 30.54 -5.21 -3.64
CA VAL A 153 31.31 -4.86 -4.85
C VAL A 153 30.66 -3.78 -5.71
N MET A 154 29.40 -3.46 -5.47
CA MET A 154 28.79 -2.36 -6.21
C MET A 154 29.12 -1.01 -5.57
N VAL A 155 29.19 -0.96 -4.24
CA VAL A 155 29.40 0.32 -3.56
C VAL A 155 30.66 1.03 -4.03
N PRO A 156 31.82 0.36 -4.17
CA PRO A 156 32.99 1.07 -4.73
C PRO A 156 32.77 1.58 -6.13
N ALA A 157 31.97 0.87 -6.95
CA ALA A 157 31.70 1.31 -8.32
C ALA A 157 30.79 2.52 -8.37
N LYS A 158 30.13 2.86 -7.27
CA LYS A 158 29.16 3.97 -7.23
C LYS A 158 28.06 3.82 -8.28
N LYS A 159 27.71 2.58 -8.61
CA LYS A 159 26.63 2.28 -9.53
C LYS A 159 26.28 0.82 -9.39
N GLY A 160 25.10 0.46 -9.83
CA GLY A 160 24.70 -0.94 -9.78
C GLY A 160 23.21 -1.08 -9.53
N CYS A 161 22.77 -2.32 -9.58
CA CYS A 161 21.35 -2.60 -9.63
C CYS A 161 21.10 -3.96 -9.02
N ILE A 162 20.27 -4.02 -7.98
CA ILE A 162 19.87 -5.28 -7.36
C ILE A 162 18.39 -5.47 -7.63
N ILE A 163 18.04 -6.59 -8.27
CA ILE A 163 16.65 -6.92 -8.58
C ILE A 163 16.35 -8.28 -7.99
N PHE A 164 15.28 -8.35 -7.21
CA PHE A 164 14.81 -9.58 -6.61
C PHE A 164 13.57 -10.06 -7.35
N THR A 165 13.45 -11.38 -7.50
CA THR A 165 12.17 -11.94 -7.88
C THR A 165 11.33 -12.13 -6.61
N ALA A 166 10.26 -11.35 -6.50
CA ALA A 166 9.30 -11.49 -5.41
C ALA A 166 8.15 -12.35 -5.91
N SER A 167 6.93 -11.81 -5.91
CA SER A 167 5.73 -12.53 -6.34
C SER A 167 4.50 -11.65 -6.17
N ALA A 168 3.48 -11.85 -7.01
CA ALA A 168 2.23 -11.13 -6.84
C ALA A 168 1.53 -11.44 -5.51
N CYS A 169 1.89 -12.54 -4.85
CA CYS A 169 1.36 -12.79 -3.49
C CYS A 169 1.78 -11.71 -2.49
N THR A 170 2.79 -10.92 -2.80
CA THR A 170 3.10 -9.81 -1.92
C THR A 170 2.04 -8.72 -1.94
N GLU A 171 1.06 -8.78 -2.85
CA GLU A 171 0.02 -7.75 -2.81
C GLU A 171 -1.40 -8.28 -2.82
N ILE A 172 -1.62 -9.59 -2.90
CA ILE A 172 -2.95 -10.17 -2.72
C ILE A 172 -2.79 -11.57 -2.12
N ALA A 173 -3.71 -11.95 -1.24
CA ALA A 173 -3.73 -13.32 -0.77
C ALA A 173 -4.53 -14.22 -1.73
N GLY A 174 -4.29 -15.53 -1.62
CA GLY A 174 -5.03 -16.48 -2.43
C GLY A 174 -4.27 -17.09 -3.58
N ILE A 175 -2.99 -16.76 -3.76
CA ILE A 175 -2.26 -17.33 -4.89
C ILE A 175 -0.92 -17.93 -4.48
N ALA A 176 -0.66 -18.08 -3.18
CA ALA A 176 0.62 -18.68 -2.81
C ALA A 176 0.53 -19.24 -1.39
N GLY A 177 1.47 -20.15 -1.07
CA GLY A 177 1.47 -20.81 0.22
C GLY A 177 1.93 -19.90 1.35
N HIS A 178 1.63 -20.32 2.58
CA HIS A 178 1.91 -19.46 3.73
C HIS A 178 3.40 -19.18 3.87
N SER A 179 4.22 -20.23 3.88
CA SER A 179 5.66 -20.05 4.04
C SER A 179 6.21 -19.19 2.91
N TYR A 180 5.79 -19.51 1.68
CA TYR A 180 6.28 -18.81 0.50
C TYR A 180 5.93 -17.32 0.54
N THR A 181 4.68 -17.02 0.90
CA THR A 181 4.19 -15.64 0.96
C THR A 181 5.01 -14.81 1.95
N ALA A 182 5.24 -15.35 3.15
CA ALA A 182 6.04 -14.63 4.13
C ALA A 182 7.46 -14.42 3.64
N SER A 183 8.00 -15.37 2.88
CA SER A 183 9.37 -15.20 2.39
C SER A 183 9.44 -14.08 1.37
N LYS A 184 8.40 -13.92 0.53
CA LYS A 184 8.44 -12.88 -0.49
C LYS A 184 8.14 -11.49 0.07
N TYR A 185 7.26 -11.39 1.08
CA TYR A 185 7.14 -10.14 1.82
C TYR A 185 8.48 -9.72 2.41
N GLY A 186 9.19 -10.68 3.01
CA GLY A 186 10.50 -10.38 3.58
C GLY A 186 11.44 -9.79 2.54
N ILE A 187 11.38 -10.30 1.30
CA ILE A 187 12.20 -9.77 0.20
C ILE A 187 11.83 -8.33 -0.12
N VAL A 188 10.53 -8.03 -0.17
CA VAL A 188 10.08 -6.66 -0.43
C VAL A 188 10.66 -5.70 0.63
N GLY A 189 10.59 -6.08 1.90
CA GLY A 189 11.16 -5.24 2.94
C GLY A 189 12.66 -5.07 2.81
N LEU A 190 13.38 -6.16 2.53
CA LEU A 190 14.82 -6.05 2.30
C LEU A 190 15.12 -5.09 1.16
N MET A 191 14.37 -5.22 0.06
CA MET A 191 14.55 -4.36 -1.10
C MET A 191 14.35 -2.89 -0.74
N LYS A 192 13.35 -2.58 0.09
CA LYS A 192 13.09 -1.19 0.42
C LYS A 192 14.16 -0.62 1.34
N SER A 193 14.66 -1.41 2.30
CA SER A 193 15.74 -0.87 3.14
C SER A 193 17.05 -0.83 2.37
N LEU A 194 17.26 -1.72 1.39
CA LEU A 194 18.42 -1.62 0.51
C LEU A 194 18.34 -0.41 -0.41
N ALA A 195 17.16 -0.12 -0.96
CA ALA A 195 17.00 1.09 -1.78
C ALA A 195 17.38 2.36 -1.01
N VAL A 196 17.14 2.37 0.30
CA VAL A 196 17.49 3.55 1.10
C VAL A 196 18.98 3.60 1.36
N GLU A 197 19.55 2.51 1.90
CA GLU A 197 20.98 2.51 2.23
C GLU A 197 21.84 2.68 0.99
N LEU A 198 21.56 1.91 -0.07
CA LEU A 198 22.42 1.91 -1.25
C LEU A 198 22.16 3.09 -2.18
N GLY A 199 21.04 3.79 -2.03
CA GLY A 199 20.81 4.99 -2.81
C GLY A 199 21.89 6.04 -2.64
N SER A 200 22.49 6.13 -1.43
CA SER A 200 23.56 7.10 -1.21
C SER A 200 24.75 6.83 -2.10
N HIS A 201 24.88 5.61 -2.63
CA HIS A 201 25.99 5.22 -3.49
C HIS A 201 25.58 5.11 -4.96
N GLY A 202 24.43 5.65 -5.33
CA GLY A 202 24.00 5.59 -6.71
C GLY A 202 23.50 4.23 -7.16
N ILE A 203 23.18 3.33 -6.22
CA ILE A 203 22.76 1.96 -6.49
C ILE A 203 21.26 1.83 -6.29
N ARG A 204 20.59 1.14 -7.21
CA ARG A 204 19.16 0.92 -7.16
C ARG A 204 18.85 -0.49 -6.67
N ALA A 205 17.65 -0.65 -6.10
CA ALA A 205 17.16 -1.96 -5.69
C ALA A 205 15.65 -2.02 -5.97
N ASN A 206 15.20 -3.06 -6.68
CA ASN A 206 13.79 -3.20 -7.01
C ASN A 206 13.39 -4.66 -7.01
N CYS A 207 12.08 -4.88 -6.98
CA CYS A 207 11.47 -6.21 -7.07
C CYS A 207 10.61 -6.31 -8.31
N VAL A 208 10.54 -7.51 -8.87
CA VAL A 208 9.52 -7.86 -9.83
C VAL A 208 8.64 -8.93 -9.20
N SER A 209 7.32 -8.73 -9.28
CA SER A 209 6.35 -9.61 -8.65
C SER A 209 5.43 -10.17 -9.73
N PRO A 210 5.83 -11.23 -10.41
CA PRO A 210 5.00 -11.78 -11.49
C PRO A 210 3.86 -12.63 -10.94
N PHE A 211 2.86 -12.82 -11.78
CA PHE A 211 1.71 -13.66 -11.42
C PHE A 211 1.85 -15.06 -12.01
N GLY A 212 0.87 -15.51 -12.79
CA GLY A 212 0.92 -16.86 -13.31
C GLY A 212 1.84 -17.01 -14.49
N VAL A 213 3.00 -17.64 -14.30
CA VAL A 213 3.98 -17.78 -15.37
C VAL A 213 4.11 -19.23 -15.77
N LEU A 214 4.02 -19.49 -17.07
CA LEU A 214 4.25 -20.83 -17.59
C LEU A 214 5.74 -21.09 -17.75
N THR A 215 6.25 -22.13 -17.09
CA THR A 215 7.66 -22.51 -17.17
C THR A 215 7.76 -24.04 -17.23
N GLY A 216 8.97 -24.52 -17.52
CA GLY A 216 9.27 -25.94 -17.48
C GLY A 216 8.97 -26.69 -18.77
N ILE A 217 8.12 -26.13 -19.63
CA ILE A 217 7.77 -26.73 -20.90
C ILE A 217 8.56 -26.03 -22.00
N VAL A 218 8.84 -26.76 -23.07
CA VAL A 218 9.61 -26.23 -24.21
C VAL A 218 8.74 -25.26 -25.01
N PRO A 219 9.06 -23.94 -25.01
CA PRO A 219 8.17 -22.94 -25.62
C PRO A 219 8.19 -22.90 -27.15
N ASP A 220 7.90 -21.70 -27.69
CA ASP A 220 7.59 -21.48 -29.12
C ASP A 220 6.26 -22.15 -29.51
N ASP A 221 5.27 -22.03 -28.62
CA ASP A 221 3.99 -22.74 -28.63
C ASP A 221 4.16 -24.23 -28.41
N GLU A 222 3.05 -24.90 -28.11
CA GLU A 222 3.02 -26.26 -27.60
C GLU A 222 1.56 -26.55 -27.30
N ALA A 223 1.25 -27.83 -27.08
CA ALA A 223 0.01 -28.12 -26.37
C ALA A 223 0.02 -27.42 -25.02
N SER A 224 1.21 -27.28 -24.41
CA SER A 224 1.32 -26.79 -23.04
C SER A 224 0.96 -25.30 -22.93
N LYS A 225 1.08 -24.54 -24.02
CA LYS A 225 0.77 -23.12 -23.90
C LYS A 225 -0.73 -22.88 -23.99
N LEU A 226 -1.38 -23.52 -24.96
CA LEU A 226 -2.78 -23.23 -25.22
C LEU A 226 -3.63 -23.58 -24.04
N MET A 227 -3.34 -24.70 -23.41
CA MET A 227 -4.27 -25.12 -22.40
C MET A 227 -4.05 -24.34 -21.09
N PHE A 228 -2.80 -23.89 -20.86
CA PHE A 228 -2.51 -22.97 -19.78
C PHE A 228 -3.30 -21.67 -19.94
N GLU A 229 -3.47 -21.22 -21.17
CA GLU A 229 -4.41 -20.14 -21.48
C GLU A 229 -5.83 -20.48 -21.03
N GLY A 230 -6.19 -21.78 -21.05
CA GLY A 230 -7.53 -22.17 -20.62
C GLY A 230 -7.76 -21.87 -19.15
N ILE A 231 -6.74 -22.11 -18.32
CA ILE A 231 -6.82 -21.75 -16.90
C ILE A 231 -6.82 -20.23 -16.73
N MET A 232 -5.78 -19.58 -17.27
CA MET A 232 -5.58 -18.15 -17.04
C MET A 232 -6.69 -17.30 -17.64
N SER A 233 -7.37 -17.79 -18.67
CA SER A 233 -8.46 -16.99 -19.24
C SER A 233 -9.63 -16.87 -18.27
N LYS A 234 -9.78 -17.80 -17.34
CA LYS A 234 -10.80 -17.61 -16.32
C LYS A 234 -10.24 -16.96 -15.05
N VAL A 235 -8.93 -17.03 -14.81
CA VAL A 235 -8.31 -16.54 -13.58
C VAL A 235 -7.86 -15.09 -13.73
N GLY A 236 -7.27 -14.77 -14.88
CA GLY A 236 -6.67 -13.46 -15.05
C GLY A 236 -7.70 -12.36 -15.00
N ASN A 237 -7.22 -11.17 -14.63
CA ASN A 237 -8.04 -9.97 -14.74
C ASN A 237 -7.93 -9.35 -16.13
N LEU A 238 -6.77 -9.44 -16.77
CA LEU A 238 -6.55 -8.98 -18.14
C LEU A 238 -6.78 -10.15 -19.10
N LYS A 239 -7.80 -10.04 -19.93
CA LYS A 239 -8.19 -11.14 -20.80
C LYS A 239 -7.42 -11.06 -22.12
N GLY A 240 -7.23 -12.22 -22.75
CA GLY A 240 -6.58 -12.25 -24.04
C GLY A 240 -5.07 -12.16 -24.03
N LYS A 241 -4.43 -12.49 -22.90
CA LYS A 241 -2.98 -12.45 -22.78
C LYS A 241 -2.60 -13.35 -21.61
N ILE A 242 -1.53 -14.14 -21.80
CA ILE A 242 -0.96 -14.96 -20.73
C ILE A 242 0.46 -14.50 -20.47
N LEU A 243 0.84 -14.47 -19.20
CA LEU A 243 2.21 -14.12 -18.82
C LEU A 243 3.12 -15.30 -19.06
N THR A 244 4.25 -15.07 -19.74
CA THR A 244 5.28 -16.08 -19.92
C THR A 244 6.58 -15.65 -19.23
N ALA A 245 7.46 -16.62 -19.01
CA ALA A 245 8.78 -16.33 -18.44
C ALA A 245 9.51 -15.28 -19.25
N GLU A 246 9.33 -15.28 -20.58
CA GLU A 246 9.95 -14.27 -21.42
C GLU A 246 9.37 -12.88 -21.17
N ASP A 247 8.08 -12.78 -20.85
CA ASP A 247 7.53 -11.45 -20.52
C ASP A 247 8.16 -10.89 -19.25
N VAL A 248 8.36 -11.76 -18.25
CA VAL A 248 9.01 -11.36 -17.01
C VAL A 248 10.45 -10.96 -17.27
N ALA A 249 11.16 -11.72 -18.12
CA ALA A 249 12.54 -11.33 -18.41
C ALA A 249 12.59 -9.91 -18.94
N VAL A 250 11.61 -9.55 -19.77
CA VAL A 250 11.54 -8.20 -20.34
C VAL A 250 11.34 -7.14 -19.26
N THR A 251 10.51 -7.40 -18.25
CA THR A 251 10.32 -6.40 -17.20
C THR A 251 11.57 -6.26 -16.34
N VAL A 252 12.26 -7.37 -16.09
CA VAL A 252 13.55 -7.30 -15.41
C VAL A 252 14.54 -6.50 -16.24
N LEU A 253 14.55 -6.70 -17.56
CA LEU A 253 15.44 -5.93 -18.44
C LEU A 253 15.21 -4.44 -18.29
N TYR A 254 13.93 -4.01 -18.27
CA TYR A 254 13.61 -2.60 -18.00
C TYR A 254 14.20 -2.17 -16.66
N LEU A 255 13.90 -2.90 -15.59
CA LEU A 255 14.38 -2.51 -14.26
C LEU A 255 15.89 -2.46 -14.19
N ALA A 256 16.57 -3.35 -14.92
CA ALA A 256 18.02 -3.45 -14.86
C ALA A 256 18.73 -2.47 -15.78
N SER A 257 18.01 -1.82 -16.69
CA SER A 257 18.61 -0.97 -17.70
C SER A 257 18.66 0.50 -17.24
N GLU A 258 19.35 1.32 -18.03
CA GLU A 258 19.41 2.74 -17.72
C GLU A 258 18.07 3.43 -18.01
N GLU A 259 17.14 2.74 -18.64
CA GLU A 259 15.79 3.25 -18.79
C GLU A 259 15.05 3.30 -17.46
N ALA A 260 15.55 2.63 -16.43
CA ALA A 260 14.98 2.69 -15.10
C ALA A 260 15.92 3.36 -14.11
N SER A 261 16.76 4.29 -14.59
CA SER A 261 17.88 4.83 -13.82
C SER A 261 17.46 5.68 -12.62
N TYR A 262 16.18 6.07 -12.53
CA TYR A 262 15.67 6.73 -11.34
C TYR A 262 14.52 5.96 -10.71
N VAL A 263 14.38 4.67 -11.02
CA VAL A 263 13.39 3.79 -10.40
C VAL A 263 14.09 2.97 -9.33
N SER A 264 13.64 3.10 -8.09
CA SER A 264 14.26 2.37 -6.99
C SER A 264 13.27 2.28 -5.85
N GLY A 265 13.36 1.18 -5.09
CA GLY A 265 12.42 0.92 -4.02
C GLY A 265 11.10 0.34 -4.47
N VAL A 266 10.98 -0.03 -5.74
CA VAL A 266 9.71 -0.37 -6.34
C VAL A 266 9.52 -1.88 -6.36
N ASN A 267 8.35 -2.34 -5.92
CA ASN A 267 7.91 -3.72 -6.12
C ASN A 267 6.96 -3.74 -7.32
N LEU A 268 7.46 -4.09 -8.50
CA LEU A 268 6.72 -3.93 -9.75
C LEU A 268 5.88 -5.19 -10.03
N LEU A 269 4.56 -5.07 -9.90
CA LEU A 269 3.66 -6.18 -10.15
C LEU A 269 3.52 -6.42 -11.65
N VAL A 270 3.64 -7.69 -12.06
CA VAL A 270 3.33 -8.10 -13.42
C VAL A 270 2.22 -9.14 -13.33
N ASP A 271 0.99 -8.68 -13.26
CA ASP A 271 -0.12 -9.54 -12.88
C ASP A 271 -1.40 -9.22 -13.65
N GLY A 272 -1.34 -8.36 -14.67
CA GLY A 272 -2.52 -7.99 -15.43
C GLY A 272 -3.62 -7.39 -14.59
N GLY A 273 -3.28 -6.87 -13.41
CA GLY A 273 -4.28 -6.31 -12.50
C GLY A 273 -4.97 -7.31 -11.61
N TYR A 274 -4.48 -8.55 -11.53
CA TYR A 274 -5.13 -9.55 -10.66
C TYR A 274 -5.22 -9.06 -9.21
N THR A 275 -4.16 -8.40 -8.69
CA THR A 275 -4.10 -8.07 -7.25
C THR A 275 -4.92 -6.84 -6.86
N VAL A 276 -5.53 -6.11 -7.80
CA VAL A 276 -6.24 -4.89 -7.46
C VAL A 276 -7.74 -5.11 -7.34
N VAL A 277 -8.22 -6.34 -7.50
CA VAL A 277 -9.65 -6.64 -7.54
C VAL A 277 -9.95 -7.85 -6.68
N ASN A 278 -11.08 -7.81 -5.98
CA ASN A 278 -11.76 -9.00 -5.46
C ASN A 278 -13.14 -9.01 -6.10
N PRO A 279 -13.36 -9.85 -7.12
CA PRO A 279 -14.63 -9.82 -7.85
C PRO A 279 -15.77 -10.58 -7.20
N THR A 280 -15.63 -11.03 -5.95
CA THR A 280 -16.67 -11.85 -5.32
C THR A 280 -18.01 -11.11 -5.30
N PHE A 281 -18.00 -9.84 -4.90
CA PHE A 281 -19.22 -9.06 -4.82
C PHE A 281 -19.93 -8.97 -6.16
N ILE A 282 -19.19 -8.65 -7.22
CA ILE A 282 -19.78 -8.53 -8.55
C ILE A 282 -20.28 -9.89 -9.04
N ASN A 283 -19.53 -10.95 -8.74
CA ASN A 283 -19.94 -12.29 -9.12
C ASN A 283 -21.25 -12.69 -8.47
N VAL A 284 -21.43 -12.34 -7.19
CA VAL A 284 -22.60 -12.82 -6.47
C VAL A 284 -23.86 -12.08 -6.90
N ILE A 285 -23.77 -10.77 -7.12
CA ILE A 285 -24.95 -10.00 -7.50
C ILE A 285 -25.31 -10.16 -8.98
N THR A 286 -24.43 -10.75 -9.79
CA THR A 286 -24.73 -11.00 -11.20
C THR A 286 -24.83 -12.49 -11.51
N ALA A 287 -25.09 -13.33 -10.50
CA ALA A 287 -25.22 -14.76 -10.69
C ALA A 287 -26.56 -15.11 -11.34
N ARG B 29 -15.06 -3.57 31.39
CA ARG B 29 -14.52 -4.93 31.40
C ARG B 29 -14.86 -5.72 30.11
N ARG B 30 -13.94 -5.64 29.14
CA ARG B 30 -14.18 -5.96 27.74
C ARG B 30 -13.74 -7.36 27.33
N LEU B 31 -12.97 -8.06 28.15
CA LEU B 31 -12.49 -9.40 27.82
C LEU B 31 -12.96 -10.41 28.86
N GLU B 32 -14.16 -10.18 29.41
CA GLU B 32 -14.71 -11.01 30.47
C GLU B 32 -14.78 -12.46 30.02
N GLY B 33 -14.09 -13.34 30.74
CA GLY B 33 -14.13 -14.76 30.42
C GLY B 33 -13.28 -15.20 29.23
N LYS B 34 -12.67 -14.27 28.51
CA LYS B 34 -11.83 -14.61 27.38
C LYS B 34 -10.51 -15.21 27.86
N VAL B 35 -9.95 -16.12 27.06
CA VAL B 35 -8.66 -16.73 27.35
C VAL B 35 -7.66 -16.19 26.34
N ALA B 36 -6.52 -15.69 26.85
CA ALA B 36 -5.48 -15.09 26.03
C ALA B 36 -4.13 -15.75 26.32
N ILE B 37 -3.33 -15.92 25.27
CA ILE B 37 -1.94 -16.28 25.38
C ILE B 37 -1.12 -15.12 24.85
N VAL B 38 -0.03 -14.78 25.54
CA VAL B 38 0.84 -13.67 25.16
C VAL B 38 2.27 -14.19 25.12
N THR B 39 2.83 -14.34 23.91
CA THR B 39 4.25 -14.66 23.79
C THR B 39 5.08 -13.38 23.99
N GLY B 40 6.31 -13.55 24.46
CA GLY B 40 7.04 -12.41 24.97
C GLY B 40 6.29 -11.65 26.05
N GLY B 41 5.53 -12.37 26.89
CA GLY B 41 4.67 -11.74 27.85
C GLY B 41 5.34 -11.27 29.14
N ALA B 42 6.62 -11.54 29.33
CA ALA B 42 7.26 -11.24 30.61
C ALA B 42 7.76 -9.81 30.72
N SER B 43 7.82 -9.04 29.63
CA SER B 43 8.35 -7.68 29.68
C SER B 43 7.76 -6.87 28.55
N GLY B 44 7.86 -5.54 28.69
CA GLY B 44 7.66 -4.64 27.56
C GLY B 44 6.22 -4.59 27.12
N ILE B 45 6.02 -4.57 25.79
CA ILE B 45 4.67 -4.51 25.25
C ILE B 45 3.87 -5.72 25.68
N GLY B 46 4.51 -6.89 25.73
CA GLY B 46 3.82 -8.09 26.19
C GLY B 46 3.28 -7.96 27.60
N ALA B 47 4.13 -7.54 28.55
CA ALA B 47 3.71 -7.37 29.95
C ALA B 47 2.60 -6.32 30.09
N SER B 48 2.73 -5.19 29.40
CA SER B 48 1.68 -4.18 29.47
C SER B 48 0.35 -4.75 29.02
N THR B 49 0.36 -5.53 27.94
CA THR B 49 -0.86 -6.15 27.43
C THR B 49 -1.39 -7.21 28.38
N VAL B 50 -0.48 -8.03 28.94
CA VAL B 50 -0.89 -8.99 29.98
C VAL B 50 -1.62 -8.29 31.12
N ARG B 51 -1.06 -7.17 31.61
CA ARG B 51 -1.71 -6.46 32.71
C ARG B 51 -3.05 -5.88 32.29
N LEU B 52 -3.13 -5.29 31.10
CA LEU B 52 -4.38 -4.70 30.62
C LEU B 52 -5.44 -5.77 30.38
N PHE B 53 -5.02 -6.91 29.82
CA PHE B 53 -5.93 -8.04 29.62
C PHE B 53 -6.48 -8.50 30.97
N HIS B 54 -5.60 -8.65 31.96
CA HIS B 54 -6.03 -9.02 33.31
C HIS B 54 -7.08 -8.02 33.83
N ASP B 55 -6.83 -6.72 33.66
CA ASP B 55 -7.76 -5.71 34.14
C ASP B 55 -9.11 -5.79 33.45
N HIS B 56 -9.19 -6.40 32.28
CA HIS B 56 -10.46 -6.49 31.57
C HIS B 56 -11.06 -7.88 31.67
N GLY B 57 -10.65 -8.65 32.68
CA GLY B 57 -11.31 -9.90 32.97
C GLY B 57 -10.84 -11.08 32.14
N ALA B 58 -9.69 -10.98 31.50
CA ALA B 58 -9.19 -12.08 30.68
C ALA B 58 -8.39 -13.04 31.54
N LYS B 59 -8.41 -14.31 31.14
CA LYS B 59 -7.49 -15.28 31.66
C LYS B 59 -6.28 -15.29 30.72
N VAL B 60 -5.09 -15.11 31.28
CA VAL B 60 -3.90 -14.91 30.46
C VAL B 60 -2.86 -15.95 30.84
N VAL B 61 -2.26 -16.57 29.82
CA VAL B 61 -1.06 -17.40 29.99
C VAL B 61 0.12 -16.59 29.44
N ILE B 62 1.04 -16.24 30.32
CA ILE B 62 2.27 -15.56 29.92
C ILE B 62 3.22 -16.63 29.39
N ALA B 63 3.68 -16.44 28.16
CA ALA B 63 4.60 -17.38 27.53
C ALA B 63 5.88 -16.61 27.22
N ASP B 64 7.00 -17.10 27.76
CA ASP B 64 8.26 -16.39 27.60
C ASP B 64 9.40 -17.34 27.95
N ILE B 65 10.63 -16.83 27.86
CA ILE B 65 11.83 -17.49 28.35
C ILE B 65 12.48 -16.74 29.49
N GLN B 66 11.88 -15.64 29.97
CA GLN B 66 12.37 -14.93 31.15
C GLN B 66 11.54 -15.43 32.33
N ASP B 67 11.91 -16.63 32.80
CA ASP B 67 11.06 -17.37 33.73
C ASP B 67 10.85 -16.61 35.02
N ASP B 68 11.89 -15.94 35.52
CA ASP B 68 11.76 -15.25 36.79
C ASP B 68 10.87 -14.02 36.66
N LEU B 69 11.20 -13.13 35.71
CA LEU B 69 10.32 -11.99 35.44
C LEU B 69 8.90 -12.46 35.15
N GLY B 70 8.75 -13.53 34.35
CA GLY B 70 7.43 -13.99 33.96
C GLY B 70 6.63 -14.59 35.11
N GLN B 71 7.27 -15.44 35.91
CA GLN B 71 6.56 -16.01 37.05
C GLN B 71 6.16 -14.94 38.05
N THR B 72 7.05 -13.97 38.30
CA THR B 72 6.72 -12.86 39.21
C THR B 72 5.50 -12.09 38.74
N LEU B 73 5.46 -11.73 37.46
CA LEU B 73 4.30 -11.01 36.94
C LEU B 73 3.03 -11.83 37.12
N ALA B 74 3.10 -13.12 36.78
CA ALA B 74 1.93 -14.00 36.92
C ALA B 74 1.52 -14.16 38.39
N ASP B 75 2.49 -14.38 39.28
CA ASP B 75 2.13 -14.51 40.70
C ASP B 75 1.45 -13.24 41.17
N ARG B 76 2.02 -12.09 40.82
CA ARG B 76 1.54 -10.82 41.34
C ARG B 76 0.11 -10.50 40.89
N LEU B 77 -0.30 -11.02 39.74
CA LEU B 77 -1.57 -10.64 39.14
C LEU B 77 -2.74 -11.54 39.56
N GLY B 78 -2.46 -12.71 40.12
CA GLY B 78 -3.52 -13.48 40.75
C GLY B 78 -3.88 -14.74 39.99
N ARG B 79 -5.08 -15.24 40.30
CA ARG B 79 -5.48 -16.60 39.93
C ARG B 79 -5.63 -16.73 38.42
N ASN B 80 -6.15 -15.70 37.76
CA ASN B 80 -6.44 -15.72 36.33
C ASN B 80 -5.20 -15.63 35.46
N ILE B 81 -4.02 -15.37 36.03
CA ILE B 81 -2.81 -15.16 35.24
C ILE B 81 -1.83 -16.27 35.59
N SER B 82 -1.43 -17.05 34.58
CA SER B 82 -0.42 -18.11 34.73
C SER B 82 0.81 -17.75 33.92
N TYR B 83 1.84 -18.59 34.05
CA TYR B 83 3.09 -18.42 33.33
C TYR B 83 3.55 -19.77 32.81
N THR B 84 3.94 -19.79 31.54
CA THR B 84 4.47 -20.97 30.88
C THR B 84 5.76 -20.61 30.18
N HIS B 85 6.82 -21.35 30.48
CA HIS B 85 8.05 -21.23 29.72
C HIS B 85 7.83 -21.77 28.33
N CYS B 86 8.16 -20.96 27.32
CA CYS B 86 7.99 -21.41 25.94
C CYS B 86 8.98 -20.64 25.08
N ASP B 87 9.98 -21.36 24.58
CA ASP B 87 10.86 -20.84 23.54
C ASP B 87 10.13 -21.01 22.22
N VAL B 88 9.75 -19.90 21.59
CA VAL B 88 8.88 -19.98 20.42
C VAL B 88 9.55 -20.60 19.22
N THR B 89 10.87 -20.81 19.27
CA THR B 89 11.54 -21.53 18.19
C THR B 89 11.39 -23.04 18.33
N ASP B 90 10.88 -23.51 19.46
CA ASP B 90 10.73 -24.94 19.75
C ASP B 90 9.27 -25.31 19.55
N GLU B 91 8.97 -26.05 18.47
CA GLU B 91 7.57 -26.33 18.18
C GLU B 91 6.92 -27.19 19.26
N ASP B 92 7.69 -28.11 19.85
CA ASP B 92 7.11 -28.94 20.90
C ASP B 92 6.69 -28.06 22.08
N GLN B 93 7.49 -27.05 22.42
CA GLN B 93 7.07 -26.18 23.52
C GLN B 93 5.86 -25.35 23.12
N VAL B 94 5.79 -24.92 21.85
CA VAL B 94 4.65 -24.14 21.37
C VAL B 94 3.37 -24.97 21.37
N ARG B 95 3.43 -26.20 20.85
N ARG B 95 3.44 -26.20 20.84
CA ARG B 95 2.24 -27.06 20.87
CA ARG B 95 2.29 -27.09 20.87
C ARG B 95 1.84 -27.38 22.31
C ARG B 95 1.85 -27.37 22.31
N ALA B 96 2.81 -27.67 23.18
CA ALA B 96 2.50 -27.96 24.57
C ALA B 96 1.84 -26.77 25.26
N LEU B 97 2.32 -25.56 24.96
CA LEU B 97 1.79 -24.36 25.58
C LEU B 97 0.31 -24.15 25.25
N VAL B 98 -0.06 -24.33 23.98
CA VAL B 98 -1.44 -24.11 23.56
C VAL B 98 -2.35 -25.20 24.12
N ASP B 99 -1.88 -26.46 24.05
CA ASP B 99 -2.63 -27.59 24.60
C ASP B 99 -2.82 -27.44 26.11
N ALA B 100 -1.80 -26.93 26.82
CA ALA B 100 -1.96 -26.69 28.25
C ALA B 100 -3.02 -25.62 28.50
N ALA B 101 -3.05 -24.59 27.66
CA ALA B 101 -4.04 -23.53 27.81
C ALA B 101 -5.45 -24.07 27.58
N VAL B 102 -5.62 -24.94 26.58
CA VAL B 102 -6.93 -25.54 26.36
C VAL B 102 -7.30 -26.45 27.53
N ALA B 103 -6.35 -27.29 27.96
CA ALA B 103 -6.58 -28.17 29.11
C ALA B 103 -6.92 -27.37 30.36
N LYS B 104 -6.29 -26.21 30.57
CA LYS B 104 -6.54 -25.44 31.78
C LYS B 104 -7.85 -24.64 31.69
N HIS B 105 -8.06 -23.91 30.58
CA HIS B 105 -9.18 -22.97 30.50
C HIS B 105 -10.24 -23.35 29.46
N GLY B 106 -10.05 -24.41 28.69
CA GLY B 106 -11.09 -24.82 27.77
C GLY B 106 -10.96 -24.30 26.34
N GLY B 107 -10.02 -23.40 26.06
CA GLY B 107 -9.84 -22.88 24.73
C GLY B 107 -8.99 -21.62 24.75
N VAL B 108 -8.69 -21.12 23.55
CA VAL B 108 -7.90 -19.88 23.40
C VAL B 108 -8.68 -18.92 22.51
N ASP B 109 -9.05 -17.77 23.06
CA ASP B 109 -9.76 -16.73 22.31
C ASP B 109 -8.80 -15.78 21.61
N ILE B 110 -7.66 -15.49 22.23
CA ILE B 110 -6.73 -14.46 21.75
C ILE B 110 -5.32 -15.02 21.80
N MET B 111 -4.65 -15.03 20.66
CA MET B 111 -3.22 -15.30 20.61
C MET B 111 -2.51 -13.99 20.28
N PHE B 112 -1.72 -13.49 21.22
CA PHE B 112 -0.94 -12.30 20.98
C PHE B 112 0.49 -12.77 20.77
N SER B 113 0.82 -13.03 19.51
CA SER B 113 2.16 -13.47 19.12
C SER B 113 3.04 -12.23 19.10
N ASN B 114 3.80 -12.01 20.17
CA ASN B 114 4.51 -10.75 20.42
C ASN B 114 6.01 -10.94 20.61
N ALA B 115 6.49 -12.16 20.82
CA ALA B 115 7.89 -12.41 21.08
C ALA B 115 8.74 -12.00 19.91
N GLY B 116 9.83 -11.29 20.20
CA GLY B 116 10.77 -10.95 19.14
C GLY B 116 11.91 -10.11 19.67
N ILE B 117 12.96 -10.04 18.87
CA ILE B 117 14.12 -9.22 19.16
C ILE B 117 14.22 -8.13 18.11
N VAL B 118 14.78 -7.00 18.51
CA VAL B 118 14.72 -5.76 17.75
C VAL B 118 16.11 -5.39 17.26
N GLU B 119 16.14 -4.71 16.12
CA GLU B 119 17.35 -4.14 15.55
C GLU B 119 17.07 -2.73 15.11
N GLY B 120 17.86 -1.76 15.56
CA GLY B 120 17.81 -0.43 15.00
C GLY B 120 18.49 -0.38 13.65
N PRO B 121 18.32 0.74 12.95
CA PRO B 121 18.89 0.87 11.61
C PRO B 121 20.36 0.48 11.55
N ASN B 122 20.71 -0.27 10.51
CA ASN B 122 22.07 -0.77 10.35
C ASN B 122 22.36 -0.87 8.86
N SER B 123 23.52 -1.42 8.54
CA SER B 123 23.96 -1.57 7.16
C SER B 123 23.93 -3.03 6.75
N ILE B 124 23.68 -3.27 5.46
CA ILE B 124 23.68 -4.63 4.94
C ILE B 124 25.05 -5.27 5.16
N PHE B 125 26.11 -4.46 5.23
CA PHE B 125 27.45 -4.98 5.47
C PHE B 125 27.57 -5.59 6.87
N ASP B 126 26.72 -5.18 7.81
CA ASP B 126 26.67 -5.68 9.19
C ASP B 126 25.85 -6.95 9.35
N VAL B 127 25.19 -7.44 8.32
CA VAL B 127 24.27 -8.57 8.47
C VAL B 127 25.11 -9.85 8.58
N ASP B 128 25.06 -10.49 9.74
CA ASP B 128 25.73 -11.75 10.00
C ASP B 128 24.74 -12.91 9.76
N LYS B 129 25.15 -13.89 8.94
CA LYS B 129 24.22 -14.94 8.52
C LYS B 129 23.65 -15.67 9.74
N ASP B 130 24.48 -15.92 10.75
CA ASP B 130 24.02 -16.62 11.93
C ASP B 130 23.05 -15.77 12.75
N GLU B 131 23.28 -14.46 12.84
CA GLU B 131 22.34 -13.64 13.59
C GLU B 131 21.06 -13.40 12.80
N LEU B 132 21.15 -13.34 11.46
CA LEU B 132 19.95 -13.25 10.63
C LEU B 132 19.05 -14.46 10.87
N GLU B 133 19.62 -15.66 10.85
CA GLU B 133 18.84 -16.86 11.04
C GLU B 133 18.30 -16.95 12.46
N ARG B 134 19.08 -16.49 13.43
CA ARG B 134 18.63 -16.51 14.81
C ARG B 134 17.42 -15.61 14.99
N LEU B 135 17.48 -14.39 14.46
CA LEU B 135 16.36 -13.48 14.56
C LEU B 135 15.16 -14.00 13.77
N MET B 136 15.39 -14.54 12.56
CA MET B 136 14.29 -15.09 11.77
C MET B 136 13.56 -16.18 12.53
N GLY B 137 14.32 -17.05 13.23
CA GLY B 137 13.69 -18.10 14.01
C GLY B 137 12.75 -17.55 15.05
N ILE B 138 13.19 -16.54 15.80
CA ILE B 138 12.38 -15.97 16.88
C ILE B 138 11.25 -15.12 16.31
N ASN B 139 11.57 -14.17 15.43
CA ASN B 139 10.59 -13.19 14.99
C ASN B 139 9.57 -13.80 14.02
N LEU B 140 10.03 -14.57 13.02
CA LEU B 140 9.13 -15.03 11.96
C LEU B 140 8.75 -16.50 12.07
N VAL B 141 9.73 -17.39 12.29
CA VAL B 141 9.40 -18.79 12.52
C VAL B 141 8.54 -18.93 13.78
N GLY B 142 8.86 -18.16 14.83
CA GLY B 142 8.04 -18.19 16.02
C GLY B 142 6.62 -17.71 15.77
N ALA B 143 6.47 -16.69 14.94
CA ALA B 143 5.13 -16.22 14.57
C ALA B 143 4.36 -17.32 13.83
N PHE B 144 5.01 -18.05 12.92
CA PHE B 144 4.34 -19.18 12.24
C PHE B 144 3.89 -20.24 13.23
N LEU B 145 4.78 -20.64 14.14
CA LEU B 145 4.44 -21.72 15.07
C LEU B 145 3.31 -21.30 16.01
N ALA B 146 3.39 -20.08 16.57
CA ALA B 146 2.31 -19.61 17.44
C ALA B 146 0.98 -19.59 16.72
N ALA B 147 0.98 -19.13 15.47
CA ALA B 147 -0.25 -19.01 14.71
C ALA B 147 -0.77 -20.39 14.30
N LYS B 148 0.13 -21.27 13.85
CA LYS B 148 -0.29 -22.62 13.51
C LYS B 148 -1.01 -23.27 14.68
N HIS B 149 -0.43 -23.20 15.87
CA HIS B 149 -1.01 -23.95 16.98
C HIS B 149 -2.20 -23.23 17.60
N ALA B 150 -2.26 -21.89 17.49
CA ALA B 150 -3.49 -21.19 17.85
C ALA B 150 -4.62 -21.56 16.90
N ALA B 151 -4.35 -21.52 15.58
CA ALA B 151 -5.37 -21.85 14.61
C ALA B 151 -5.92 -23.25 14.85
N ARG B 152 -5.03 -24.18 15.24
CA ARG B 152 -5.43 -25.55 15.50
C ARG B 152 -6.54 -25.63 16.54
N VAL B 153 -6.48 -24.84 17.61
CA VAL B 153 -7.49 -24.88 18.66
C VAL B 153 -8.61 -23.84 18.48
N MET B 154 -8.40 -22.82 17.66
CA MET B 154 -9.45 -21.84 17.41
C MET B 154 -10.44 -22.31 16.36
N VAL B 155 -9.98 -23.04 15.34
CA VAL B 155 -10.88 -23.46 14.26
C VAL B 155 -12.08 -24.26 14.79
N PRO B 156 -11.92 -25.25 15.67
CA PRO B 156 -13.12 -25.93 16.22
C PRO B 156 -14.03 -25.00 16.98
N ALA B 157 -13.48 -23.96 17.62
CA ALA B 157 -14.27 -23.01 18.37
C ALA B 157 -15.08 -22.08 17.49
N LYS B 158 -14.73 -22.00 16.20
CA LYS B 158 -15.35 -21.06 15.27
C LYS B 158 -15.28 -19.62 15.80
N LYS B 159 -14.22 -19.31 16.56
CA LYS B 159 -14.01 -17.95 17.05
C LYS B 159 -12.57 -17.83 17.54
N GLY B 160 -12.09 -16.61 17.57
CA GLY B 160 -10.76 -16.42 18.03
C GLY B 160 -10.08 -15.31 17.26
N CYS B 161 -8.89 -14.96 17.72
CA CYS B 161 -8.24 -13.74 17.32
C CYS B 161 -6.74 -13.93 17.46
N ILE B 162 -6.00 -13.81 16.36
CA ILE B 162 -4.55 -13.88 16.36
C ILE B 162 -4.05 -12.48 16.04
N ILE B 163 -3.23 -11.92 16.94
CA ILE B 163 -2.66 -10.58 16.79
C ILE B 163 -1.16 -10.72 16.84
N PHE B 164 -0.49 -10.19 15.83
CA PHE B 164 0.96 -10.19 15.79
C PHE B 164 1.49 -8.81 16.14
N THR B 165 2.60 -8.75 16.87
CA THR B 165 3.35 -7.50 16.98
C THR B 165 4.27 -7.44 15.77
N ALA B 166 4.01 -6.49 14.87
CA ALA B 166 4.88 -6.27 13.73
C ALA B 166 5.77 -5.07 14.07
N SER B 167 5.67 -4.00 13.29
CA SER B 167 6.49 -2.80 13.49
C SER B 167 6.19 -1.76 12.42
N ALA B 168 6.34 -0.47 12.77
CA ALA B 168 6.16 0.59 11.79
C ALA B 168 7.16 0.51 10.64
N CYS B 169 8.27 -0.22 10.81
CA CYS B 169 9.20 -0.42 9.70
C CYS B 169 8.56 -1.18 8.54
N THR B 170 7.42 -1.84 8.75
CA THR B 170 6.73 -2.46 7.63
C THR B 170 6.14 -1.44 6.66
N GLU B 171 6.11 -0.15 7.01
CA GLU B 171 5.57 0.86 6.12
C GLU B 171 6.48 2.06 5.89
N ILE B 172 7.68 2.08 6.47
CA ILE B 172 8.69 3.08 6.10
C ILE B 172 10.07 2.53 6.42
N ALA B 173 11.03 2.84 5.56
CA ALA B 173 12.41 2.48 5.85
C ALA B 173 13.08 3.57 6.72
N GLY B 174 14.17 3.19 7.38
CA GLY B 174 14.94 4.11 8.17
C GLY B 174 14.75 4.02 9.66
N ILE B 175 13.95 3.06 10.15
CA ILE B 175 13.75 2.99 11.59
C ILE B 175 14.00 1.59 12.13
N ALA B 176 14.56 0.69 11.33
CA ALA B 176 14.90 -0.63 11.84
C ALA B 176 15.95 -1.30 10.97
N GLY B 177 16.58 -2.32 11.52
CA GLY B 177 17.64 -3.03 10.84
C GLY B 177 17.13 -3.91 9.72
N HIS B 178 18.07 -4.33 8.88
CA HIS B 178 17.70 -5.08 7.68
C HIS B 178 17.03 -6.41 8.04
N SER B 179 17.68 -7.23 8.86
CA SER B 179 17.12 -8.53 9.22
C SER B 179 15.78 -8.38 9.90
N TYR B 180 15.70 -7.44 10.84
CA TYR B 180 14.48 -7.20 11.59
C TYR B 180 13.35 -6.77 10.67
N THR B 181 13.64 -5.85 9.74
CA THR B 181 12.64 -5.35 8.83
C THR B 181 12.03 -6.47 8.01
N ALA B 182 12.88 -7.34 7.45
CA ALA B 182 12.39 -8.46 6.64
C ALA B 182 11.51 -9.40 7.45
N SER B 183 11.86 -9.62 8.73
CA SER B 183 11.07 -10.54 9.55
C SER B 183 9.70 -9.97 9.83
N LYS B 184 9.60 -8.65 10.00
CA LYS B 184 8.31 -8.05 10.28
C LYS B 184 7.42 -7.95 9.03
N TYR B 185 8.02 -7.73 7.86
CA TYR B 185 7.26 -7.88 6.61
C TYR B 185 6.70 -9.30 6.50
N GLY B 186 7.54 -10.30 6.77
CA GLY B 186 7.07 -11.67 6.71
C GLY B 186 5.87 -11.92 7.59
N ILE B 187 5.86 -11.29 8.77
CA ILE B 187 4.72 -11.41 9.68
C ILE B 187 3.47 -10.82 9.05
N VAL B 188 3.59 -9.64 8.41
CA VAL B 188 2.44 -9.02 7.74
C VAL B 188 1.88 -9.96 6.66
N GLY B 189 2.76 -10.53 5.83
CA GLY B 189 2.28 -11.43 4.79
C GLY B 189 1.59 -12.65 5.38
N LEU B 190 2.19 -13.24 6.42
CA LEU B 190 1.57 -14.35 7.14
C LEU B 190 0.22 -13.93 7.72
N MET B 191 0.15 -12.73 8.31
CA MET B 191 -1.12 -12.26 8.86
C MET B 191 -2.20 -12.21 7.79
N LYS B 192 -1.85 -11.78 6.57
CA LYS B 192 -2.88 -11.63 5.55
C LYS B 192 -3.35 -12.98 5.02
N SER B 193 -2.46 -13.95 4.85
CA SER B 193 -2.97 -15.25 4.43
C SER B 193 -3.81 -15.89 5.52
N LEU B 194 -3.47 -15.64 6.80
CA LEU B 194 -4.27 -16.18 7.90
C LEU B 194 -5.66 -15.56 7.94
N ALA B 195 -5.75 -14.24 7.74
CA ALA B 195 -7.06 -13.60 7.71
C ALA B 195 -7.97 -14.22 6.67
N VAL B 196 -7.41 -14.69 5.56
CA VAL B 196 -8.20 -15.34 4.52
C VAL B 196 -8.58 -16.75 4.93
N GLU B 197 -7.59 -17.58 5.27
CA GLU B 197 -7.89 -18.96 5.58
C GLU B 197 -8.79 -19.05 6.80
N LEU B 198 -8.46 -18.31 7.85
CA LEU B 198 -9.22 -18.40 9.09
C LEU B 198 -10.50 -17.58 9.06
N GLY B 199 -10.67 -16.69 8.07
CA GLY B 199 -11.92 -15.98 7.93
C GLY B 199 -13.12 -16.91 7.77
N SER B 200 -12.93 -18.03 7.07
CA SER B 200 -14.02 -18.98 6.86
C SER B 200 -14.52 -19.59 8.15
N HIS B 201 -13.72 -19.54 9.22
CA HIS B 201 -14.10 -20.12 10.50
C HIS B 201 -14.45 -19.06 11.53
N GLY B 202 -14.65 -17.82 11.10
CA GLY B 202 -14.99 -16.75 12.04
C GLY B 202 -13.82 -16.24 12.85
N ILE B 203 -12.58 -16.53 12.45
CA ILE B 203 -11.37 -16.16 13.18
C ILE B 203 -10.69 -14.97 12.52
N ARG B 204 -10.29 -13.98 13.32
CA ARG B 204 -9.62 -12.78 12.85
C ARG B 204 -8.11 -12.85 13.06
N ALA B 205 -7.38 -12.12 12.22
CA ALA B 205 -5.93 -11.98 12.35
C ALA B 205 -5.52 -10.57 11.96
N ASN B 206 -4.74 -9.92 12.83
CA ASN B 206 -4.30 -8.55 12.56
C ASN B 206 -2.91 -8.35 13.11
N CYS B 207 -2.29 -7.26 12.66
CA CYS B 207 -0.99 -6.83 13.15
C CYS B 207 -1.13 -5.48 13.82
N VAL B 208 -0.30 -5.25 14.83
CA VAL B 208 -0.09 -3.93 15.39
C VAL B 208 1.36 -3.56 15.07
N SER B 209 1.55 -2.37 14.51
CA SER B 209 2.85 -1.92 14.05
C SER B 209 3.19 -0.63 14.79
N PRO B 210 3.75 -0.73 16.00
CA PRO B 210 4.06 0.46 16.77
C PRO B 210 5.34 1.12 16.29
N PHE B 211 5.49 2.39 16.69
CA PHE B 211 6.67 3.16 16.35
C PHE B 211 7.68 3.18 17.51
N GLY B 212 8.07 4.37 17.97
CA GLY B 212 9.06 4.47 19.02
C GLY B 212 8.47 4.23 20.38
N VAL B 213 8.75 3.06 20.96
CA VAL B 213 8.16 2.62 22.22
C VAL B 213 9.21 2.63 23.31
N LEU B 214 8.80 3.12 24.48
CA LEU B 214 9.70 3.26 25.62
C LEU B 214 10.04 1.90 26.24
N THR B 215 9.04 1.08 26.55
CA THR B 215 9.21 -0.27 27.11
C THR B 215 10.20 -0.29 28.28
N GLY B 216 11.42 -0.78 28.00
CA GLY B 216 12.58 -0.72 28.88
C GLY B 216 12.36 -0.73 30.38
N ILE B 217 11.97 0.42 30.93
CA ILE B 217 11.74 0.62 32.35
C ILE B 217 10.27 0.98 32.52
N VAL B 218 9.45 0.01 32.91
CA VAL B 218 8.04 0.24 33.23
C VAL B 218 7.88 1.11 34.48
N PRO B 219 8.61 0.85 35.59
CA PRO B 219 8.37 1.64 36.81
C PRO B 219 8.63 3.12 36.60
N ASP B 220 7.83 3.95 37.29
CA ASP B 220 7.87 5.40 37.11
C ASP B 220 9.27 5.95 37.34
N ASP B 221 10.06 5.92 36.26
CA ASP B 221 11.41 6.47 36.16
C ASP B 221 11.24 7.71 35.29
N GLU B 222 10.98 8.86 35.95
CA GLU B 222 10.72 10.09 35.21
C GLU B 222 11.93 10.51 34.37
N ALA B 223 13.13 10.32 34.92
CA ALA B 223 14.36 10.65 34.20
C ALA B 223 14.35 10.02 32.80
N SER B 224 14.03 8.73 32.74
CA SER B 224 14.03 8.02 31.46
C SER B 224 12.86 8.45 30.57
N LYS B 225 11.70 8.78 31.14
CA LYS B 225 10.55 9.14 30.32
C LYS B 225 10.74 10.50 29.65
N LEU B 226 11.16 11.52 30.41
CA LEU B 226 11.32 12.85 29.85
C LEU B 226 12.44 12.88 28.82
N MET B 227 13.49 12.08 29.06
CA MET B 227 14.63 12.01 28.16
C MET B 227 14.17 11.39 26.86
N PHE B 228 13.37 10.31 26.94
CA PHE B 228 12.80 9.70 25.74
C PHE B 228 11.97 10.71 24.94
N GLU B 229 11.21 11.56 25.64
CA GLU B 229 10.47 12.62 24.96
C GLU B 229 11.39 13.63 24.28
N GLY B 230 12.61 13.81 24.82
CA GLY B 230 13.56 14.70 24.17
C GLY B 230 13.92 14.23 22.77
N ILE B 231 14.12 12.92 22.61
CA ILE B 231 14.34 12.36 21.27
C ILE B 231 13.06 12.43 20.44
N MET B 232 11.98 11.84 20.96
CA MET B 232 10.76 11.66 20.18
C MET B 232 10.12 12.99 19.78
N SER B 233 10.29 14.04 20.58
CA SER B 233 9.73 15.32 20.20
C SER B 233 10.37 15.89 18.94
N LYS B 234 11.57 15.45 18.61
CA LYS B 234 12.14 15.85 17.34
C LYS B 234 11.88 14.83 16.22
N VAL B 235 11.65 13.56 16.55
CA VAL B 235 11.54 12.51 15.55
C VAL B 235 10.08 12.30 15.11
N GLY B 236 9.16 12.31 16.06
CA GLY B 236 7.77 12.00 15.77
C GLY B 236 7.10 13.01 14.86
N ASN B 237 6.06 12.55 14.18
CA ASN B 237 5.22 13.44 13.38
C ASN B 237 4.11 14.09 14.20
N LEU B 238 3.54 13.36 15.16
CA LEU B 238 2.52 13.89 16.05
C LEU B 238 3.20 14.41 17.31
N LYS B 239 3.18 15.73 17.48
CA LYS B 239 3.91 16.41 18.53
C LYS B 239 3.08 16.50 19.80
N GLY B 240 3.76 16.56 20.94
CA GLY B 240 3.08 16.70 22.21
C GLY B 240 2.49 15.42 22.76
N LYS B 241 2.98 14.27 22.32
CA LYS B 241 2.52 12.97 22.79
C LYS B 241 3.63 11.99 22.48
N ILE B 242 3.94 11.10 23.42
CA ILE B 242 4.91 10.03 23.23
C ILE B 242 4.19 8.70 23.39
N LEU B 243 4.55 7.75 22.53
CA LEU B 243 4.00 6.40 22.57
C LEU B 243 4.65 5.57 23.68
N THR B 244 3.82 4.96 24.52
CA THR B 244 4.28 4.04 25.54
C THR B 244 3.76 2.64 25.29
N ALA B 245 4.41 1.66 25.95
CA ALA B 245 3.98 0.27 25.88
C ALA B 245 2.51 0.12 26.29
N GLU B 246 2.05 0.94 27.23
CA GLU B 246 0.65 0.88 27.65
C GLU B 246 -0.28 1.37 26.54
N ASP B 247 0.15 2.34 25.74
CA ASP B 247 -0.67 2.76 24.60
C ASP B 247 -0.78 1.62 23.58
N VAL B 248 0.33 0.92 23.33
CA VAL B 248 0.29 -0.20 22.40
C VAL B 248 -0.64 -1.28 22.95
N ALA B 249 -0.56 -1.55 24.25
CA ALA B 249 -1.47 -2.54 24.85
C ALA B 249 -2.93 -2.18 24.61
N VAL B 250 -3.27 -0.89 24.72
CA VAL B 250 -4.67 -0.47 24.50
C VAL B 250 -5.11 -0.73 23.06
N THR B 251 -4.22 -0.52 22.10
CA THR B 251 -4.57 -0.79 20.70
C THR B 251 -4.71 -2.30 20.46
N VAL B 252 -3.87 -3.10 21.11
CA VAL B 252 -4.06 -4.55 21.05
C VAL B 252 -5.40 -4.93 21.65
N LEU B 253 -5.76 -4.29 22.76
CA LEU B 253 -7.04 -4.57 23.40
C LEU B 253 -8.19 -4.33 22.44
N TYR B 254 -8.14 -3.21 21.71
CA TYR B 254 -9.14 -2.96 20.68
C TYR B 254 -9.18 -4.09 19.65
N LEU B 255 -8.03 -4.46 19.09
CA LEU B 255 -8.04 -5.47 18.03
C LEU B 255 -8.54 -6.81 18.55
N ALA B 256 -8.25 -7.13 19.81
CA ALA B 256 -8.64 -8.42 20.39
C ALA B 256 -10.08 -8.44 20.88
N SER B 257 -10.73 -7.29 20.97
CA SER B 257 -12.06 -7.18 21.56
C SER B 257 -13.15 -7.29 20.50
N GLU B 258 -14.39 -7.42 20.97
CA GLU B 258 -15.51 -7.42 20.03
C GLU B 258 -15.77 -6.06 19.40
N GLU B 259 -15.13 -5.00 19.90
CA GLU B 259 -15.21 -3.70 19.21
C GLU B 259 -14.53 -3.75 17.85
N ALA B 260 -13.69 -4.76 17.61
CA ALA B 260 -13.07 -4.98 16.33
C ALA B 260 -13.60 -6.25 15.66
N SER B 261 -14.86 -6.60 15.91
CA SER B 261 -15.35 -7.91 15.50
C SER B 261 -15.41 -8.10 13.98
N TYR B 262 -15.29 -7.03 13.19
CA TYR B 262 -15.21 -7.15 11.74
C TYR B 262 -13.92 -6.58 11.17
N VAL B 263 -12.87 -6.42 11.99
CA VAL B 263 -11.57 -5.95 11.53
C VAL B 263 -10.68 -7.16 11.35
N SER B 264 -10.21 -7.39 10.13
CA SER B 264 -9.34 -8.54 9.92
C SER B 264 -8.47 -8.27 8.69
N GLY B 265 -7.26 -8.83 8.69
CA GLY B 265 -6.33 -8.54 7.61
C GLY B 265 -5.59 -7.21 7.74
N VAL B 266 -5.73 -6.51 8.87
CA VAL B 266 -5.25 -5.14 9.01
C VAL B 266 -3.91 -5.13 9.73
N ASN B 267 -2.96 -4.38 9.16
CA ASN B 267 -1.70 -4.02 9.81
C ASN B 267 -1.88 -2.60 10.33
N LEU B 268 -2.20 -2.47 11.63
CA LEU B 268 -2.60 -1.19 12.21
C LEU B 268 -1.39 -0.43 12.73
N LEU B 269 -1.06 0.68 12.05
CA LEU B 269 0.08 1.49 12.45
C LEU B 269 -0.26 2.31 13.70
N VAL B 270 0.64 2.30 14.68
CA VAL B 270 0.54 3.19 15.83
C VAL B 270 1.82 4.01 15.85
N ASP B 271 1.84 5.08 15.05
CA ASP B 271 3.09 5.76 14.72
C ASP B 271 2.96 7.28 14.63
N GLY B 272 1.81 7.85 15.02
CA GLY B 272 1.64 9.29 14.96
C GLY B 272 1.82 9.88 13.58
N GLY B 273 1.68 9.07 12.53
CA GLY B 273 1.91 9.53 11.19
C GLY B 273 3.35 9.52 10.73
N TYR B 274 4.27 8.92 11.48
CA TYR B 274 5.67 8.94 11.07
C TYR B 274 5.87 8.35 9.67
N THR B 275 5.17 7.25 9.37
CA THR B 275 5.42 6.49 8.14
C THR B 275 4.77 7.08 6.89
N VAL B 276 3.98 8.16 7.00
CA VAL B 276 3.30 8.70 5.83
C VAL B 276 4.02 9.91 5.25
N VAL B 277 5.17 10.31 5.82
CA VAL B 277 5.85 11.54 5.43
C VAL B 277 7.34 11.29 5.23
N ASN B 278 7.90 11.89 4.19
CA ASN B 278 9.35 12.11 4.07
C ASN B 278 9.57 13.61 4.05
N PRO B 279 9.95 14.22 5.17
CA PRO B 279 10.04 15.68 5.25
C PRO B 279 11.30 16.29 4.66
N THR B 280 12.13 15.51 3.97
CA THR B 280 13.41 16.04 3.49
C THR B 280 13.20 17.24 2.59
N PHE B 281 12.28 17.12 1.62
CA PHE B 281 12.07 18.22 0.68
C PHE B 281 11.68 19.51 1.40
N ILE B 282 10.73 19.44 2.33
CA ILE B 282 10.30 20.64 3.05
C ILE B 282 11.42 21.18 3.92
N ASN B 283 12.20 20.29 4.54
CA ASN B 283 13.31 20.75 5.36
C ASN B 283 14.33 21.53 4.53
N VAL B 284 14.60 21.07 3.31
CA VAL B 284 15.64 21.71 2.52
C VAL B 284 15.17 23.06 2.00
N ILE B 285 13.90 23.15 1.58
CA ILE B 285 13.40 24.41 1.04
C ILE B 285 13.05 25.42 2.13
N THR B 286 13.04 25.01 3.40
CA THR B 286 12.78 25.93 4.51
C THR B 286 13.99 26.10 5.44
N ARG C 29 -18.55 7.13 28.86
CA ARG C 29 -17.62 7.88 29.68
C ARG C 29 -16.32 8.15 28.92
N ARG C 30 -16.15 7.48 27.78
CA ARG C 30 -14.88 7.52 27.06
C ARG C 30 -14.66 8.83 26.31
N LEU C 31 -15.71 9.63 26.10
CA LEU C 31 -15.61 10.94 25.45
C LEU C 31 -16.18 12.04 26.33
N GLU C 32 -16.08 11.88 27.65
CA GLU C 32 -16.73 12.80 28.59
C GLU C 32 -16.26 14.24 28.37
N GLY C 33 -17.21 15.12 28.09
CA GLY C 33 -16.93 16.52 27.87
C GLY C 33 -16.38 16.87 26.52
N LYS C 34 -16.02 15.89 25.70
CA LYS C 34 -15.53 16.19 24.36
C LYS C 34 -16.67 16.73 23.51
N VAL C 35 -16.32 17.64 22.60
CA VAL C 35 -17.28 18.21 21.66
C VAL C 35 -17.01 17.61 20.29
N ALA C 36 -18.05 17.05 19.68
CA ALA C 36 -17.94 16.39 18.38
C ALA C 36 -18.96 16.95 17.41
N ILE C 37 -18.54 17.10 16.15
CA ILE C 37 -19.42 17.40 15.03
C ILE C 37 -19.42 16.19 14.11
N VAL C 38 -20.60 15.82 13.61
CA VAL C 38 -20.75 14.67 12.72
C VAL C 38 -21.54 15.13 11.51
N THR C 39 -20.88 15.28 10.36
CA THR C 39 -21.61 15.58 9.14
C THR C 39 -22.23 14.30 8.60
N GLY C 40 -23.33 14.45 7.87
CA GLY C 40 -24.18 13.31 7.56
C GLY C 40 -24.68 12.60 8.81
N GLY C 41 -24.90 13.34 9.90
CA GLY C 41 -25.25 12.76 11.18
C GLY C 41 -26.70 12.37 11.36
N ALA C 42 -27.57 12.65 10.39
CA ALA C 42 -28.99 12.36 10.55
C ALA C 42 -29.38 10.94 10.14
N SER C 43 -28.49 10.17 9.49
CA SER C 43 -28.85 8.85 8.99
C SER C 43 -27.63 7.95 8.97
N GLY C 44 -27.90 6.64 9.05
CA GLY C 44 -26.88 5.65 8.73
C GLY C 44 -25.75 5.61 9.75
N ILE C 45 -24.54 5.52 9.22
CA ILE C 45 -23.33 5.48 10.06
C ILE C 45 -23.20 6.74 10.88
N GLY C 46 -23.51 7.90 10.27
CA GLY C 46 -23.43 9.15 11.02
C GLY C 46 -24.34 9.16 12.23
N ALA C 47 -25.61 8.77 12.05
CA ALA C 47 -26.54 8.71 13.16
C ALA C 47 -26.07 7.72 14.22
N SER C 48 -25.59 6.55 13.79
CA SER C 48 -25.08 5.56 14.73
C SER C 48 -23.94 6.12 15.57
N THR C 49 -23.05 6.88 14.94
CA THR C 49 -21.93 7.46 15.67
C THR C 49 -22.41 8.53 16.64
N VAL C 50 -23.40 9.31 16.23
CA VAL C 50 -24.00 10.31 17.12
C VAL C 50 -24.54 9.68 18.39
N ARG C 51 -25.31 8.58 18.27
CA ARG C 51 -25.88 7.97 19.47
C ARG C 51 -24.78 7.37 20.36
N LEU C 52 -23.80 6.72 19.74
CA LEU C 52 -22.72 6.13 20.52
C LEU C 52 -21.88 7.21 21.18
N PHE C 53 -21.66 8.34 20.49
CA PHE C 53 -20.99 9.48 21.10
C PHE C 53 -21.79 10.02 22.28
N HIS C 54 -23.11 10.17 22.10
CA HIS C 54 -23.99 10.58 23.20
C HIS C 54 -23.85 9.63 24.39
N ASP C 55 -23.81 8.32 24.14
CA ASP C 55 -23.68 7.35 25.22
C ASP C 55 -22.33 7.42 25.92
N HIS C 56 -21.31 8.03 25.31
CA HIS C 56 -20.00 8.13 25.94
C HIS C 56 -19.71 9.54 26.47
N GLY C 57 -20.75 10.34 26.70
CA GLY C 57 -20.60 11.60 27.39
C GLY C 57 -20.16 12.75 26.52
N ALA C 58 -20.29 12.63 25.21
CA ALA C 58 -19.86 13.68 24.31
C ALA C 58 -20.97 14.70 24.10
N LYS C 59 -20.56 15.92 23.80
CA LYS C 59 -21.47 16.93 23.27
C LYS C 59 -21.39 16.82 21.75
N VAL C 60 -22.54 16.63 21.09
CA VAL C 60 -22.56 16.31 19.67
C VAL C 60 -23.44 17.31 18.93
N VAL C 61 -22.90 17.88 17.85
CA VAL C 61 -23.69 18.65 16.90
C VAL C 61 -23.91 17.79 15.67
N ILE C 62 -25.17 17.47 15.39
CA ILE C 62 -25.54 16.73 14.19
C ILE C 62 -25.59 17.70 13.01
N ALA C 63 -24.85 17.39 11.94
CA ALA C 63 -24.80 18.23 10.76
C ALA C 63 -25.30 17.43 9.56
N ASP C 64 -26.32 17.94 8.88
CA ASP C 64 -26.94 17.22 7.78
C ASP C 64 -27.80 18.20 6.99
N ILE C 65 -28.45 17.67 5.95
CA ILE C 65 -29.45 18.40 5.18
C ILE C 65 -30.83 17.75 5.26
N GLN C 66 -30.98 16.68 6.03
CA GLN C 66 -32.28 16.04 6.27
C GLN C 66 -32.80 16.54 7.60
N ASP C 67 -33.39 17.74 7.57
CA ASP C 67 -33.70 18.49 8.79
C ASP C 67 -34.64 17.73 9.71
N ASP C 68 -35.63 17.02 9.15
CA ASP C 68 -36.62 16.36 9.98
C ASP C 68 -36.04 15.13 10.69
N LEU C 69 -35.20 14.36 9.99
CA LEU C 69 -34.55 13.23 10.65
C LEU C 69 -33.55 13.70 11.72
N GLY C 70 -32.76 14.72 11.40
CA GLY C 70 -31.73 15.16 12.34
C GLY C 70 -32.29 15.83 13.58
N GLN C 71 -33.25 16.73 13.40
CA GLN C 71 -33.84 17.41 14.56
C GLN C 71 -34.55 16.41 15.46
N THR C 72 -35.23 15.41 14.88
CA THR C 72 -35.85 14.38 15.69
C THR C 72 -34.84 13.68 16.58
N LEU C 73 -33.69 13.30 16.00
CA LEU C 73 -32.66 12.59 16.76
C LEU C 73 -32.06 13.47 17.86
N ALA C 74 -31.81 14.74 17.56
CA ALA C 74 -31.24 15.64 18.57
C ALA C 74 -32.20 15.83 19.74
N ASP C 75 -33.49 15.98 19.46
CA ASP C 75 -34.48 16.14 20.52
C ASP C 75 -34.52 14.92 21.44
N ARG C 76 -34.51 13.73 20.85
CA ARG C 76 -34.65 12.51 21.64
C ARG C 76 -33.38 12.18 22.41
N LEU C 77 -32.22 12.62 21.93
CA LEU C 77 -30.97 12.33 22.62
C LEU C 77 -30.67 13.34 23.72
N GLY C 78 -31.33 14.49 23.70
CA GLY C 78 -31.31 15.35 24.87
C GLY C 78 -30.51 16.63 24.76
N ARG C 79 -30.03 17.07 25.93
CA ARG C 79 -29.44 18.40 26.08
C ARG C 79 -28.10 18.49 25.38
N ASN C 80 -27.31 17.42 25.41
CA ASN C 80 -25.94 17.44 24.89
C ASN C 80 -25.88 17.38 23.38
N ILE C 81 -26.98 17.05 22.71
CA ILE C 81 -27.00 16.84 21.27
C ILE C 81 -27.95 17.87 20.64
N SER C 82 -27.42 18.69 19.75
CA SER C 82 -28.19 19.65 18.97
C SER C 82 -28.10 19.32 17.50
N TYR C 83 -28.87 20.06 16.70
CA TYR C 83 -28.87 19.88 15.25
C TYR C 83 -28.62 21.21 14.57
N THR C 84 -27.74 21.19 13.56
CA THR C 84 -27.45 22.33 12.71
C THR C 84 -27.57 21.88 11.26
N HIS C 85 -28.43 22.55 10.50
CA HIS C 85 -28.51 22.30 9.07
C HIS C 85 -27.21 22.75 8.42
N CYS C 86 -26.60 21.87 7.62
CA CYS C 86 -25.34 22.21 6.95
C CYS C 86 -25.22 21.37 5.69
N ASP C 87 -25.30 22.04 4.54
CA ASP C 87 -24.91 21.44 3.27
C ASP C 87 -23.39 21.55 3.14
N VAL C 88 -22.70 20.41 3.13
CA VAL C 88 -21.25 20.39 3.20
C VAL C 88 -20.57 20.95 1.96
N THR C 89 -21.31 21.21 0.88
CA THR C 89 -20.75 21.86 -0.31
C THR C 89 -20.67 23.39 -0.22
N ASP C 90 -21.29 24.02 0.78
CA ASP C 90 -21.30 25.47 0.91
C ASP C 90 -20.34 25.85 2.03
N GLU C 91 -19.23 26.49 1.68
CA GLU C 91 -18.21 26.78 2.69
C GLU C 91 -18.75 27.68 3.79
N ASP C 92 -19.66 28.60 3.46
CA ASP C 92 -20.24 29.47 4.48
C ASP C 92 -21.09 28.68 5.47
N GLN C 93 -21.80 27.66 5.01
CA GLN C 93 -22.57 26.85 5.95
C GLN C 93 -21.64 26.02 6.83
N VAL C 94 -20.54 25.52 6.27
CA VAL C 94 -19.55 24.80 7.05
C VAL C 94 -18.88 25.74 8.05
N ARG C 95 -18.46 26.92 7.57
CA ARG C 95 -17.91 27.96 8.45
C ARG C 95 -18.83 28.23 9.62
N ALA C 96 -20.10 28.52 9.33
CA ALA C 96 -21.06 28.83 10.39
C ALA C 96 -21.28 27.64 11.32
N LEU C 97 -21.35 26.42 10.76
CA LEU C 97 -21.60 25.24 11.58
C LEU C 97 -20.50 25.05 12.62
N VAL C 98 -19.25 25.25 12.22
CA VAL C 98 -18.14 25.12 13.16
C VAL C 98 -18.14 26.26 14.17
N ASP C 99 -18.37 27.49 13.70
CA ASP C 99 -18.43 28.64 14.61
C ASP C 99 -19.58 28.50 15.59
N ALA C 100 -20.73 27.98 15.13
CA ALA C 100 -21.85 27.80 16.05
C ALA C 100 -21.51 26.78 17.12
N ALA C 101 -20.82 25.69 16.73
CA ALA C 101 -20.43 24.69 17.72
C ALA C 101 -19.47 25.27 18.75
N VAL C 102 -18.49 26.04 18.30
CA VAL C 102 -17.55 26.68 19.22
C VAL C 102 -18.29 27.68 20.11
N ALA C 103 -19.16 28.49 19.50
CA ALA C 103 -19.94 29.45 20.28
C ALA C 103 -20.74 28.75 21.37
N LYS C 104 -21.27 27.57 21.08
CA LYS C 104 -22.11 26.88 22.06
C LYS C 104 -21.27 26.12 23.09
N HIS C 105 -20.23 25.39 22.66
CA HIS C 105 -19.54 24.46 23.54
C HIS C 105 -18.10 24.84 23.86
N GLY C 106 -17.56 25.90 23.26
CA GLY C 106 -16.23 26.37 23.59
C GLY C 106 -15.10 25.84 22.73
N GLY C 107 -15.38 24.91 21.84
CA GLY C 107 -14.38 24.33 20.97
C GLY C 107 -14.91 23.06 20.36
N VAL C 108 -14.10 22.48 19.48
CA VAL C 108 -14.44 21.23 18.79
C VAL C 108 -13.28 20.26 18.99
N ASP C 109 -13.57 19.12 19.62
CA ASP C 109 -12.56 18.08 19.81
C ASP C 109 -12.51 17.09 18.65
N ILE C 110 -13.67 16.76 18.07
CA ILE C 110 -13.80 15.69 17.08
C ILE C 110 -14.59 16.18 15.89
N MET C 111 -13.98 16.14 14.71
CA MET C 111 -14.71 16.35 13.46
C MET C 111 -14.83 15.01 12.74
N PHE C 112 -16.05 14.50 12.65
CA PHE C 112 -16.35 13.25 11.94
C PHE C 112 -16.95 13.69 10.62
N SER C 113 -16.10 13.85 9.61
CA SER C 113 -16.51 14.22 8.26
C SER C 113 -17.00 12.95 7.59
N ASN C 114 -18.33 12.74 7.59
CA ASN C 114 -18.94 11.49 7.19
C ASN C 114 -19.95 11.62 6.06
N ALA C 115 -20.38 12.84 5.70
CA ALA C 115 -21.40 13.00 4.67
C ALA C 115 -20.92 12.49 3.31
N GLY C 116 -21.78 11.77 2.62
CA GLY C 116 -21.47 11.35 1.27
C GLY C 116 -22.63 10.58 0.67
N ILE C 117 -22.57 10.42 -0.65
CA ILE C 117 -23.50 9.60 -1.42
C ILE C 117 -22.69 8.48 -2.06
N VAL C 118 -23.35 7.34 -2.32
CA VAL C 118 -22.65 6.12 -2.71
C VAL C 118 -23.04 5.70 -4.12
N GLU C 119 -22.09 5.06 -4.82
CA GLU C 119 -22.29 4.45 -6.12
C GLU C 119 -21.84 3.00 -6.04
N GLY C 120 -22.71 2.07 -6.44
CA GLY C 120 -22.29 0.69 -6.59
C GLY C 120 -21.44 0.56 -7.84
N PRO C 121 -20.77 -0.58 -8.02
CA PRO C 121 -19.90 -0.76 -9.19
C PRO C 121 -20.65 -0.50 -10.49
N ASN C 122 -19.99 0.18 -11.42
CA ASN C 122 -20.60 0.57 -12.69
C ASN C 122 -19.52 0.61 -13.75
N SER C 123 -19.88 1.12 -14.93
CA SER C 123 -18.98 1.23 -16.07
C SER C 123 -18.57 2.67 -16.29
N ILE C 124 -17.37 2.87 -16.86
CA ILE C 124 -16.88 4.21 -17.18
C ILE C 124 -17.81 4.89 -18.18
N PHE C 125 -18.48 4.10 -19.03
CA PHE C 125 -19.44 4.67 -19.98
C PHE C 125 -20.67 5.24 -19.29
N ASP C 126 -20.94 4.82 -18.05
CA ASP C 126 -22.03 5.33 -17.21
C ASP C 126 -21.66 6.62 -16.50
N VAL C 127 -20.41 7.08 -16.63
CA VAL C 127 -19.96 8.27 -15.90
C VAL C 127 -20.42 9.50 -16.65
N ASP C 128 -21.34 10.26 -16.06
CA ASP C 128 -21.81 11.51 -16.60
C ASP C 128 -21.07 12.67 -15.92
N LYS C 129 -20.50 13.56 -16.74
CA LYS C 129 -19.63 14.61 -16.23
C LYS C 129 -20.31 15.46 -15.17
N ASP C 130 -21.61 15.71 -15.32
CA ASP C 130 -22.34 16.48 -14.31
C ASP C 130 -22.48 15.69 -13.01
N GLU C 131 -22.85 14.41 -13.11
N GLU C 131 -22.87 14.41 -13.11
CA GLU C 131 -23.01 13.60 -11.90
CA GLU C 131 -23.02 13.58 -11.91
C GLU C 131 -21.67 13.41 -11.20
C GLU C 131 -21.68 13.36 -11.20
N LEU C 132 -20.58 13.27 -11.97
CA LEU C 132 -19.26 13.16 -11.38
C LEU C 132 -18.94 14.39 -10.52
N GLU C 133 -19.23 15.58 -11.04
CA GLU C 133 -18.96 16.81 -10.30
C GLU C 133 -19.88 16.94 -9.10
N ARG C 134 -21.13 16.48 -9.22
CA ARG C 134 -22.03 16.52 -8.07
C ARG C 134 -21.50 15.63 -6.94
N LEU C 135 -21.09 14.40 -7.26
CA LEU C 135 -20.55 13.50 -6.24
C LEU C 135 -19.22 14.00 -5.67
N MET C 136 -18.36 14.56 -6.52
CA MET C 136 -17.11 15.12 -6.02
C MET C 136 -17.36 16.25 -5.03
N GLY C 137 -18.36 17.08 -5.29
CA GLY C 137 -18.66 18.18 -4.38
C GLY C 137 -19.01 17.70 -2.99
N ILE C 138 -19.90 16.72 -2.90
CA ILE C 138 -20.34 16.21 -1.61
C ILE C 138 -19.23 15.41 -0.94
N ASN C 139 -18.66 14.44 -1.66
CA ASN C 139 -17.78 13.46 -1.04
C ASN C 139 -16.42 14.06 -0.72
N LEU C 140 -15.81 14.74 -1.68
CA LEU C 140 -14.42 15.18 -1.56
C LEU C 140 -14.29 16.66 -1.23
N VAL C 141 -14.98 17.53 -1.95
CA VAL C 141 -14.94 18.95 -1.61
C VAL C 141 -15.56 19.17 -0.23
N GLY C 142 -16.63 18.46 0.09
CA GLY C 142 -17.21 18.57 1.41
C GLY C 142 -16.25 18.15 2.52
N ALA C 143 -15.46 17.11 2.28
CA ALA C 143 -14.48 16.69 3.26
C ALA C 143 -13.41 17.76 3.45
N PHE C 144 -12.97 18.36 2.34
CA PHE C 144 -12.01 19.46 2.41
C PHE C 144 -12.53 20.60 3.28
N LEU C 145 -13.77 21.03 3.05
CA LEU C 145 -14.32 22.16 3.79
C LEU C 145 -14.47 21.84 5.27
N ALA C 146 -15.03 20.66 5.58
CA ALA C 146 -15.17 20.23 6.96
C ALA C 146 -13.83 20.18 7.67
N ALA C 147 -12.80 19.68 6.98
CA ALA C 147 -11.49 19.57 7.62
C ALA C 147 -10.88 20.95 7.82
N LYS C 148 -10.97 21.81 6.81
CA LYS C 148 -10.43 23.16 6.89
C LYS C 148 -10.98 23.92 8.10
N HIS C 149 -12.30 23.88 8.29
CA HIS C 149 -12.90 24.69 9.34
C HIS C 149 -12.84 24.01 10.69
N ALA C 150 -12.69 22.68 10.73
CA ALA C 150 -12.31 22.02 11.97
C ALA C 150 -10.89 22.43 12.36
N ALA C 151 -9.96 22.40 11.40
CA ALA C 151 -8.59 22.80 11.68
C ALA C 151 -8.51 24.23 12.17
N ARG C 152 -9.38 25.11 11.65
CA ARG C 152 -9.41 26.51 12.05
C ARG C 152 -9.59 26.68 13.56
N VAL C 153 -10.52 25.92 14.16
CA VAL C 153 -10.77 26.05 15.60
C VAL C 153 -9.98 25.06 16.43
N MET C 154 -9.38 24.03 15.82
CA MET C 154 -8.55 23.08 16.55
C MET C 154 -7.09 23.52 16.67
N VAL C 155 -6.51 24.11 15.62
CA VAL C 155 -5.09 24.51 15.68
C VAL C 155 -4.81 25.44 16.85
N PRO C 156 -5.62 26.49 17.13
CA PRO C 156 -5.37 27.28 18.35
C PRO C 156 -5.48 26.49 19.64
N ALA C 157 -6.38 25.51 19.68
CA ALA C 157 -6.53 24.69 20.88
C ALA C 157 -5.36 23.73 21.10
N LYS C 158 -4.50 23.53 20.09
CA LYS C 158 -3.42 22.55 20.16
C LYS C 158 -3.94 21.16 20.49
N LYS C 159 -5.15 20.82 20.04
CA LYS C 159 -5.69 19.49 20.27
C LYS C 159 -6.81 19.24 19.28
N GLY C 160 -7.10 17.96 19.05
CA GLY C 160 -8.20 17.68 18.16
C GLY C 160 -8.05 16.47 17.27
N CYS C 161 -9.12 16.15 16.56
CA CYS C 161 -9.24 14.88 15.89
C CYS C 161 -10.17 15.04 14.71
N ILE C 162 -9.68 14.73 13.50
CA ILE C 162 -10.46 14.73 12.28
C ILE C 162 -10.55 13.30 11.74
N ILE C 163 -11.77 12.81 11.56
CA ILE C 163 -12.00 11.46 11.05
C ILE C 163 -12.86 11.53 9.80
N PHE C 164 -12.39 10.91 8.73
CA PHE C 164 -13.15 10.84 7.49
C PHE C 164 -13.75 9.45 7.30
N THR C 165 -14.97 9.39 6.77
CA THR C 165 -15.51 8.13 6.27
C THR C 165 -15.05 7.97 4.83
N ALA C 166 -14.17 6.99 4.59
CA ALA C 166 -13.73 6.70 3.25
C ALA C 166 -14.57 5.53 2.75
N SER C 167 -13.91 4.41 2.44
CA SER C 167 -14.60 3.20 1.99
C SER C 167 -13.59 2.09 1.72
N ALA C 168 -14.02 0.83 1.89
CA ALA C 168 -13.16 -0.30 1.55
C ALA C 168 -12.79 -0.32 0.07
N CYS C 169 -13.53 0.39 -0.78
CA CYS C 169 -13.11 0.49 -2.18
C CYS C 169 -11.75 1.17 -2.30
N THR C 170 -11.25 1.82 -1.26
CA THR C 170 -9.92 2.38 -1.32
C THR C 170 -8.81 1.32 -1.36
N GLU C 171 -9.11 0.02 -1.14
CA GLU C 171 -8.06 -0.98 -1.16
C GLU C 171 -8.31 -2.24 -2.00
N ILE C 172 -9.43 -2.33 -2.74
CA ILE C 172 -9.56 -3.18 -3.92
C ILE C 172 -10.65 -2.63 -4.81
N ALA C 173 -10.58 -2.96 -6.09
CA ALA C 173 -11.62 -2.68 -7.05
C ALA C 173 -12.73 -3.73 -6.96
N GLY C 174 -13.88 -3.39 -7.51
CA GLY C 174 -15.00 -4.32 -7.60
C GLY C 174 -16.15 -4.07 -6.64
N ILE C 175 -16.13 -3.01 -5.83
CA ILE C 175 -17.21 -2.81 -4.88
C ILE C 175 -17.80 -1.40 -4.89
N ALA C 176 -17.44 -0.57 -5.86
CA ALA C 176 -18.00 0.78 -5.91
C ALA C 176 -17.84 1.37 -7.30
N GLY C 177 -18.65 2.41 -7.57
CA GLY C 177 -18.60 3.04 -8.88
C GLY C 177 -17.33 3.85 -9.06
N HIS C 178 -17.04 4.18 -10.32
CA HIS C 178 -15.78 4.87 -10.65
C HIS C 178 -15.70 6.22 -9.96
N SER C 179 -16.73 7.05 -10.11
CA SER C 179 -16.71 8.38 -9.51
C SER C 179 -16.60 8.30 -7.99
N TYR C 180 -17.38 7.40 -7.38
CA TYR C 180 -17.32 7.23 -5.94
C TYR C 180 -15.92 6.81 -5.51
N THR C 181 -15.33 5.83 -6.21
CA THR C 181 -14.01 5.32 -5.86
C THR C 181 -12.97 6.42 -5.89
N ALA C 182 -12.94 7.21 -6.95
CA ALA C 182 -11.97 8.30 -7.05
C ALA C 182 -12.14 9.31 -5.93
N SER C 183 -13.38 9.54 -5.48
CA SER C 183 -13.60 10.52 -4.42
C SER C 183 -13.08 10.03 -3.07
N LYS C 184 -13.20 8.72 -2.81
CA LYS C 184 -12.73 8.18 -1.54
C LYS C 184 -11.20 8.03 -1.50
N TYR C 185 -10.58 7.73 -2.64
CA TYR C 185 -9.12 7.82 -2.73
C TYR C 185 -8.64 9.23 -2.39
N GLY C 186 -9.32 10.24 -2.96
CA GLY C 186 -8.96 11.61 -2.66
C GLY C 186 -9.04 11.92 -1.19
N ILE C 187 -10.05 11.38 -0.51
CA ILE C 187 -10.18 11.59 0.93
C ILE C 187 -8.97 11.00 1.66
N VAL C 188 -8.56 9.78 1.29
CA VAL C 188 -7.38 9.16 1.90
C VAL C 188 -6.16 10.05 1.75
N GLY C 189 -5.94 10.57 0.54
CA GLY C 189 -4.79 11.44 0.32
C GLY C 189 -4.88 12.71 1.14
N LEU C 190 -6.07 13.32 1.21
CA LEU C 190 -6.26 14.47 2.07
C LEU C 190 -5.97 14.13 3.52
N MET C 191 -6.44 12.97 3.99
CA MET C 191 -6.18 12.55 5.36
C MET C 191 -4.68 12.45 5.64
N LYS C 192 -3.90 11.97 4.65
CA LYS C 192 -2.47 11.76 4.88
C LYS C 192 -1.76 13.09 5.02
N SER C 193 -2.11 14.07 4.20
CA SER C 193 -1.42 15.35 4.29
C SER C 193 -1.87 16.15 5.50
N LEU C 194 -3.11 15.95 5.97
CA LEU C 194 -3.52 16.62 7.20
C LEU C 194 -2.80 16.03 8.41
N ALA C 195 -2.66 14.71 8.46
CA ALA C 195 -1.94 14.09 9.56
C ALA C 195 -0.54 14.67 9.69
N VAL C 196 0.07 15.06 8.57
CA VAL C 196 1.40 15.67 8.61
C VAL C 196 1.32 17.14 8.99
N GLU C 197 0.49 17.92 8.30
CA GLU C 197 0.39 19.35 8.62
C GLU C 197 -0.11 19.55 10.05
N LEU C 198 -1.18 18.84 10.42
CA LEU C 198 -1.79 19.02 11.73
C LEU C 198 -1.04 18.30 12.84
N GLY C 199 -0.15 17.37 12.51
CA GLY C 199 0.64 16.71 13.54
C GLY C 199 1.47 17.69 14.37
N SER C 200 1.99 18.74 13.73
CA SER C 200 2.80 19.72 14.45
C SER C 200 1.98 20.47 15.50
N HIS C 201 0.65 20.43 15.43
CA HIS C 201 -0.23 21.09 16.38
C HIS C 201 -0.93 20.13 17.34
N GLY C 202 -0.50 18.86 17.41
CA GLY C 202 -1.11 17.88 18.30
C GLY C 202 -2.44 17.32 17.84
N ILE C 203 -2.80 17.52 16.58
CA ILE C 203 -4.09 17.13 16.03
C ILE C 203 -3.91 15.89 15.15
N ARG C 204 -4.79 14.90 15.31
CA ARG C 204 -4.76 13.65 14.56
C ARG C 204 -5.80 13.66 13.44
N ALA C 205 -5.51 12.91 12.37
CA ALA C 205 -6.44 12.75 11.25
C ALA C 205 -6.38 11.32 10.73
N ASN C 206 -7.54 10.68 10.59
CA ASN C 206 -7.64 9.30 10.14
C ASN C 206 -8.89 9.07 9.29
N CYS C 207 -8.91 7.93 8.60
CA CYS C 207 -10.07 7.46 7.85
C CYS C 207 -10.54 6.14 8.43
N VAL C 208 -11.85 5.92 8.36
CA VAL C 208 -12.45 4.60 8.57
C VAL C 208 -13.02 4.18 7.22
N SER C 209 -12.73 2.95 6.79
CA SER C 209 -13.11 2.46 5.47
C SER C 209 -13.95 1.20 5.59
N PRO C 210 -15.26 1.34 5.74
CA PRO C 210 -16.11 0.15 5.90
C PRO C 210 -16.44 -0.54 4.59
N PHE C 211 -16.93 -1.75 4.73
CA PHE C 211 -17.41 -2.57 3.63
C PHE C 211 -18.92 -2.32 3.56
N GLY C 212 -19.69 -3.25 3.01
CA GLY C 212 -21.10 -3.00 2.80
C GLY C 212 -21.98 -3.00 4.05
N VAL C 213 -22.54 -1.82 4.39
CA VAL C 213 -23.40 -1.66 5.55
C VAL C 213 -24.83 -1.33 5.11
N LEU C 214 -25.80 -1.98 5.77
CA LEU C 214 -27.23 -1.73 5.55
C LEU C 214 -27.63 -0.42 6.25
N THR C 215 -27.82 0.65 5.47
CA THR C 215 -28.17 1.96 6.01
C THR C 215 -29.28 2.58 5.16
N GLY C 216 -29.25 3.91 5.01
CA GLY C 216 -30.08 4.56 4.03
C GLY C 216 -29.74 4.23 2.58
N ILE C 217 -28.78 3.31 2.36
CA ILE C 217 -28.45 2.85 1.00
C ILE C 217 -29.63 2.09 0.39
N VAL C 218 -30.12 1.07 1.08
CA VAL C 218 -31.24 0.26 0.60
C VAL C 218 -32.37 0.35 1.63
N PRO C 219 -33.63 0.36 1.21
CA PRO C 219 -34.70 0.92 2.05
C PRO C 219 -34.90 0.19 3.38
N ASP C 220 -35.59 0.90 4.28
CA ASP C 220 -35.97 0.37 5.59
C ASP C 220 -36.88 -0.85 5.47
N ASP C 221 -37.47 -1.07 4.29
CA ASP C 221 -38.39 -2.19 4.10
C ASP C 221 -37.70 -3.52 4.39
N GLU C 222 -38.41 -4.38 5.12
CA GLU C 222 -37.82 -5.63 5.60
C GLU C 222 -37.59 -6.63 4.48
N ALA C 223 -38.22 -6.45 3.31
CA ALA C 223 -37.95 -7.32 2.18
C ALA C 223 -36.55 -7.08 1.60
N SER C 224 -35.95 -5.92 1.87
CA SER C 224 -34.58 -5.61 1.48
C SER C 224 -33.56 -5.92 2.58
N LYS C 225 -34.02 -6.22 3.80
CA LYS C 225 -33.11 -6.54 4.89
C LYS C 225 -32.72 -8.01 4.88
N LEU C 226 -33.68 -8.89 4.56
CA LEU C 226 -33.36 -10.31 4.43
C LEU C 226 -32.47 -10.57 3.22
N MET C 227 -32.57 -9.73 2.19
CA MET C 227 -31.73 -9.92 1.00
C MET C 227 -30.33 -9.36 1.20
N PHE C 228 -30.22 -8.17 1.79
CA PHE C 228 -28.90 -7.58 2.03
C PHE C 228 -28.06 -8.45 2.95
N GLU C 229 -28.66 -8.97 4.03
CA GLU C 229 -27.94 -9.88 4.93
C GLU C 229 -27.46 -11.14 4.22
N GLY C 230 -28.25 -11.61 3.25
CA GLY C 230 -27.88 -12.84 2.55
C GLY C 230 -26.73 -12.65 1.58
N ILE C 231 -26.70 -11.51 0.88
CA ILE C 231 -25.59 -11.24 -0.02
C ILE C 231 -24.29 -11.04 0.76
N MET C 232 -24.33 -10.21 1.80
CA MET C 232 -23.11 -9.91 2.54
C MET C 232 -22.50 -11.15 3.20
N SER C 233 -23.34 -12.12 3.61
CA SER C 233 -22.78 -13.32 4.22
C SER C 233 -22.07 -14.20 3.19
N LYS C 234 -22.52 -14.17 1.93
CA LYS C 234 -21.86 -14.90 0.86
C LYS C 234 -20.60 -14.18 0.37
N VAL C 235 -20.60 -12.84 0.41
CA VAL C 235 -19.52 -12.05 -0.15
C VAL C 235 -18.35 -11.92 0.84
N GLY C 236 -18.64 -11.79 2.13
CA GLY C 236 -17.59 -11.45 3.08
C GLY C 236 -16.51 -12.51 3.17
N ASN C 237 -15.30 -12.06 3.49
CA ASN C 237 -14.21 -13.00 3.76
C ASN C 237 -14.27 -13.55 5.17
N LEU C 238 -14.71 -12.74 6.13
CA LEU C 238 -14.87 -13.19 7.50
C LEU C 238 -16.31 -13.66 7.68
N LYS C 239 -16.47 -14.96 7.96
CA LYS C 239 -17.78 -15.58 8.06
C LYS C 239 -18.35 -15.51 9.46
N GLY C 240 -19.68 -15.55 9.55
CA GLY C 240 -20.34 -15.54 10.85
C GLY C 240 -20.51 -14.19 11.51
N LYS C 241 -20.49 -13.11 10.74
CA LYS C 241 -20.68 -11.78 11.27
C LYS C 241 -21.08 -10.89 10.10
N ILE C 242 -22.09 -10.04 10.32
CA ILE C 242 -22.53 -9.09 9.31
C ILE C 242 -22.17 -7.71 9.82
N LEU C 243 -21.61 -6.88 8.95
CA LEU C 243 -21.20 -5.54 9.35
C LEU C 243 -22.44 -4.66 9.46
N THR C 244 -22.55 -3.97 10.59
CA THR C 244 -23.62 -3.02 10.84
C THR C 244 -23.05 -1.63 11.03
N ALA C 245 -23.93 -0.64 10.87
CA ALA C 245 -23.54 0.74 11.10
C ALA C 245 -22.99 0.94 12.52
N GLU C 246 -23.50 0.19 13.49
CA GLU C 246 -23.01 0.29 14.86
C GLU C 246 -21.59 -0.20 15.00
N ASP C 247 -21.21 -1.24 14.22
CA ASP C 247 -19.83 -1.71 14.25
C ASP C 247 -18.87 -0.62 13.77
N VAL C 248 -19.24 0.08 12.69
CA VAL C 248 -18.42 1.18 12.20
C VAL C 248 -18.34 2.29 13.24
N ALA C 249 -19.47 2.63 13.86
CA ALA C 249 -19.48 3.69 14.85
C ALA C 249 -18.49 3.40 15.97
N VAL C 250 -18.44 2.14 16.41
CA VAL C 250 -17.51 1.74 17.45
C VAL C 250 -16.06 1.93 16.99
N THR C 251 -15.78 1.65 15.71
CA THR C 251 -14.42 1.87 15.23
C THR C 251 -14.10 3.37 15.16
N VAL C 252 -15.10 4.19 14.82
CA VAL C 252 -14.93 5.64 14.90
C VAL C 252 -14.69 6.08 16.34
N LEU C 253 -15.41 5.47 17.29
CA LEU C 253 -15.18 5.80 18.69
C LEU C 253 -13.75 5.52 19.11
N TYR C 254 -13.21 4.36 18.70
CA TYR C 254 -11.80 4.07 18.97
C TYR C 254 -10.90 5.17 18.41
N LEU C 255 -11.07 5.47 17.12
CA LEU C 255 -10.22 6.46 16.46
C LEU C 255 -10.35 7.84 17.10
N ALA C 256 -11.54 8.18 17.59
CA ALA C 256 -11.80 9.50 18.15
C ALA C 256 -11.40 9.62 19.62
N SER C 257 -11.11 8.51 20.29
CA SER C 257 -10.84 8.51 21.72
C SER C 257 -9.33 8.59 22.01
N GLU C 258 -9.01 8.75 23.29
CA GLU C 258 -7.61 8.73 23.73
C GLU C 258 -6.99 7.35 23.68
N GLU C 259 -7.78 6.30 23.45
CA GLU C 259 -7.23 4.98 23.22
C GLU C 259 -6.45 4.89 21.90
N ALA C 260 -6.68 5.83 20.98
CA ALA C 260 -5.93 5.93 19.73
C ALA C 260 -5.11 7.23 19.65
N SER C 261 -4.65 7.73 20.80
CA SER C 261 -4.04 9.05 20.91
C SER C 261 -2.70 9.17 20.16
N TYR C 262 -2.10 8.06 19.73
CA TYR C 262 -0.92 8.13 18.88
C TYR C 262 -1.18 7.49 17.51
N VAL C 263 -2.45 7.34 17.10
CA VAL C 263 -2.81 6.82 15.78
C VAL C 263 -3.17 7.99 14.88
N SER C 264 -2.43 8.16 13.78
CA SER C 264 -2.72 9.26 12.86
C SER C 264 -2.20 8.88 11.49
N GLY C 265 -2.90 9.35 10.46
CA GLY C 265 -2.53 8.97 9.11
C GLY C 265 -3.03 7.62 8.65
N VAL C 266 -3.91 6.96 9.41
CA VAL C 266 -4.30 5.57 9.17
C VAL C 266 -5.61 5.55 8.40
N ASN C 267 -5.67 4.72 7.35
CA ASN C 267 -6.93 4.37 6.70
C ASN C 267 -7.30 2.99 7.23
N LEU C 268 -8.18 2.97 8.22
CA LEU C 268 -8.50 1.75 8.96
C LEU C 268 -9.64 1.03 8.27
N LEU C 269 -9.33 -0.11 7.65
CA LEU C 269 -10.33 -0.91 6.96
C LEU C 269 -11.17 -1.64 8.01
N VAL C 270 -12.48 -1.60 7.82
CA VAL C 270 -13.41 -2.44 8.60
C VAL C 270 -14.14 -3.32 7.60
N ASP C 271 -13.49 -4.42 7.19
CA ASP C 271 -13.94 -5.14 6.00
C ASP C 271 -13.82 -6.65 6.13
N GLY C 272 -13.48 -7.18 7.31
CA GLY C 272 -13.31 -8.61 7.46
C GLY C 272 -12.25 -9.22 6.56
N GLY C 273 -11.29 -8.43 6.08
CA GLY C 273 -10.31 -8.97 5.17
C GLY C 273 -10.75 -9.08 3.73
N TYR C 274 -11.90 -8.51 3.36
CA TYR C 274 -12.37 -8.64 1.98
C TYR C 274 -11.34 -8.14 0.99
N THR C 275 -10.66 -7.04 1.33
CA THR C 275 -9.77 -6.35 0.41
C THR C 275 -8.39 -6.99 0.30
N VAL C 276 -8.08 -8.02 1.08
CA VAL C 276 -6.73 -8.58 1.03
C VAL C 276 -6.66 -9.86 0.18
N VAL C 277 -7.79 -10.28 -0.42
CA VAL C 277 -7.86 -11.56 -1.11
C VAL C 277 -8.50 -11.39 -2.47
N ASN C 278 -7.95 -12.08 -3.46
CA ASN C 278 -8.67 -12.35 -4.71
C ASN C 278 -8.81 -13.87 -4.81
N PRO C 279 -9.97 -14.41 -4.45
CA PRO C 279 -10.14 -15.86 -4.40
C PRO C 279 -10.40 -16.51 -5.76
N THR C 280 -10.22 -15.79 -6.88
CA THR C 280 -10.56 -16.35 -8.18
C THR C 280 -9.76 -17.61 -8.48
N PHE C 281 -8.44 -17.55 -8.31
CA PHE C 281 -7.61 -18.71 -8.62
C PHE C 281 -8.02 -19.92 -7.78
N ILE C 282 -8.24 -19.73 -6.48
CA ILE C 282 -8.64 -20.84 -5.63
C ILE C 282 -10.03 -21.34 -6.03
N ASN C 283 -10.93 -20.42 -6.41
CA ASN C 283 -12.28 -20.82 -6.83
C ASN C 283 -12.23 -21.71 -8.08
N VAL C 284 -11.42 -21.36 -9.07
CA VAL C 284 -11.45 -22.11 -10.32
C VAL C 284 -10.79 -23.47 -10.16
N ILE C 285 -9.69 -23.55 -9.42
CA ILE C 285 -8.97 -24.82 -9.35
C ILE C 285 -9.64 -25.83 -8.44
N THR C 286 -10.58 -25.40 -7.60
CA THR C 286 -11.37 -26.30 -6.78
C THR C 286 -12.84 -26.30 -7.16
N ALA C 287 -13.15 -25.86 -8.39
CA ALA C 287 -14.52 -25.59 -8.78
C ALA C 287 -15.26 -26.89 -9.10
N ARG D 29 10.79 2.28 -33.56
CA ARG D 29 10.85 0.83 -33.47
C ARG D 29 9.80 0.24 -32.53
N ARG D 30 9.83 0.63 -31.25
CA ARG D 30 9.00 -0.04 -30.26
C ARG D 30 7.53 0.34 -30.35
N LEU D 31 7.19 1.43 -31.01
CA LEU D 31 5.80 1.83 -31.17
C LEU D 31 5.42 1.97 -32.64
N GLU D 32 6.09 1.19 -33.51
CA GLU D 32 5.85 1.27 -34.94
C GLU D 32 4.38 0.99 -35.23
N GLY D 33 3.70 1.94 -35.86
CA GLY D 33 2.30 1.79 -36.22
C GLY D 33 1.32 2.02 -35.10
N LYS D 34 1.77 2.23 -33.87
CA LYS D 34 0.87 2.54 -32.78
C LYS D 34 0.41 3.99 -32.89
N VAL D 35 -0.85 4.23 -32.52
CA VAL D 35 -1.40 5.58 -32.48
C VAL D 35 -1.56 5.98 -31.02
N ALA D 36 -0.97 7.11 -30.66
CA ALA D 36 -0.97 7.60 -29.29
C ALA D 36 -1.48 9.03 -29.22
N ILE D 37 -2.26 9.31 -28.17
CA ILE D 37 -2.67 10.67 -27.80
C ILE D 37 -1.96 11.04 -26.51
N VAL D 38 -1.51 12.28 -26.42
CA VAL D 38 -0.85 12.80 -25.22
C VAL D 38 -1.52 14.12 -24.87
N THR D 39 -2.35 14.14 -23.82
CA THR D 39 -2.86 15.41 -23.33
C THR D 39 -1.79 16.09 -22.49
N GLY D 40 -1.85 17.41 -22.43
CA GLY D 40 -0.71 18.18 -21.95
C GLY D 40 0.55 17.91 -22.73
N GLY D 41 0.43 17.63 -24.04
CA GLY D 41 1.58 17.21 -24.82
C GLY D 41 2.48 18.30 -25.33
N ALA D 42 2.10 19.57 -25.14
CA ALA D 42 2.88 20.66 -25.72
C ALA D 42 4.07 21.06 -24.87
N SER D 43 4.18 20.56 -23.64
CA SER D 43 5.27 20.95 -22.77
C SER D 43 5.64 19.82 -21.81
N GLY D 44 6.89 19.87 -21.33
CA GLY D 44 7.27 19.08 -20.18
C GLY D 44 7.31 17.58 -20.44
N ILE D 45 6.74 16.85 -19.49
CA ILE D 45 6.71 15.39 -19.59
C ILE D 45 5.92 14.97 -20.81
N GLY D 46 4.81 15.64 -21.09
CA GLY D 46 4.05 15.35 -22.30
C GLY D 46 4.87 15.55 -23.57
N ALA D 47 5.56 16.69 -23.66
CA ALA D 47 6.38 16.95 -24.83
C ALA D 47 7.49 15.91 -24.97
N SER D 48 8.18 15.59 -23.87
CA SER D 48 9.22 14.56 -23.91
C SER D 48 8.66 13.24 -24.40
N THR D 49 7.46 12.88 -23.95
CA THR D 49 6.86 11.63 -24.39
C THR D 49 6.46 11.68 -25.85
N VAL D 50 5.90 12.82 -26.30
CA VAL D 50 5.60 12.98 -27.73
C VAL D 50 6.88 12.82 -28.55
N ARG D 51 7.97 13.43 -28.11
CA ARG D 51 9.22 13.29 -28.84
C ARG D 51 9.70 11.85 -28.83
N LEU D 52 9.62 11.19 -27.66
CA LEU D 52 10.05 9.81 -27.54
C LEU D 52 9.17 8.87 -28.33
N PHE D 53 7.85 9.08 -28.29
CA PHE D 53 6.95 8.27 -29.09
C PHE D 53 7.27 8.42 -30.57
N HIS D 54 7.50 9.66 -31.01
CA HIS D 54 7.90 9.91 -32.39
C HIS D 54 9.15 9.12 -32.77
N ASP D 55 10.16 9.13 -31.90
CA ASP D 55 11.40 8.40 -32.21
C ASP D 55 11.17 6.90 -32.29
N HIS D 56 10.05 6.40 -31.75
CA HIS D 56 9.78 4.97 -31.77
C HIS D 56 8.69 4.59 -32.76
N GLY D 57 8.45 5.44 -33.75
CA GLY D 57 7.60 5.09 -34.86
C GLY D 57 6.12 5.26 -34.60
N ALA D 58 5.75 6.00 -33.57
CA ALA D 58 4.35 6.18 -33.26
C ALA D 58 3.77 7.35 -34.05
N LYS D 59 2.47 7.29 -34.31
CA LYS D 59 1.72 8.46 -34.71
C LYS D 59 1.11 9.08 -33.45
N VAL D 60 1.37 10.36 -33.23
CA VAL D 60 1.01 11.03 -31.99
C VAL D 60 0.16 12.24 -32.33
N VAL D 61 -0.95 12.38 -31.63
CA VAL D 61 -1.76 13.60 -31.63
C VAL D 61 -1.43 14.33 -30.34
N ILE D 62 -0.82 15.51 -30.46
CA ILE D 62 -0.55 16.37 -29.32
C ILE D 62 -1.84 17.08 -28.95
N ALA D 63 -2.27 16.94 -27.70
CA ALA D 63 -3.49 17.55 -27.20
C ALA D 63 -3.11 18.51 -26.09
N ASP D 64 -3.47 19.78 -26.25
CA ASP D 64 -3.06 20.79 -25.29
C ASP D 64 -3.92 22.03 -25.51
N ILE D 65 -3.66 23.07 -24.71
CA ILE D 65 -4.25 24.38 -24.90
C ILE D 65 -3.22 25.48 -25.10
N GLN D 66 -1.93 25.14 -25.18
CA GLN D 66 -0.91 26.11 -25.56
C GLN D 66 -0.68 25.90 -27.06
N ASP D 67 -1.61 26.43 -27.86
CA ASP D 67 -1.68 26.08 -29.28
C ASP D 67 -0.39 26.41 -30.01
N ASP D 68 0.26 27.52 -29.64
CA ASP D 68 1.46 27.96 -30.35
C ASP D 68 2.64 27.02 -30.08
N LEU D 69 2.88 26.68 -28.80
CA LEU D 69 3.92 25.70 -28.49
C LEU D 69 3.57 24.32 -29.04
N GLY D 70 2.31 23.91 -28.94
CA GLY D 70 1.95 22.57 -29.38
C GLY D 70 2.04 22.40 -30.89
N GLN D 71 1.51 23.35 -31.64
CA GLN D 71 1.59 23.26 -33.10
C GLN D 71 3.04 23.32 -33.56
N THR D 72 3.87 24.15 -32.90
CA THR D 72 5.28 24.19 -33.23
C THR D 72 5.91 22.82 -33.11
N LEU D 73 5.62 22.11 -32.02
CA LEU D 73 6.21 20.79 -31.81
C LEU D 73 5.78 19.82 -32.90
N ALA D 74 4.48 19.82 -33.24
CA ALA D 74 3.99 18.90 -34.25
C ALA D 74 4.60 19.18 -35.62
N ASP D 75 4.69 20.47 -35.99
CA ASP D 75 5.33 20.83 -37.25
C ASP D 75 6.80 20.48 -37.24
N ARG D 76 7.45 20.64 -36.09
CA ARG D 76 8.89 20.41 -35.95
C ARG D 76 9.26 18.94 -36.10
N LEU D 77 8.37 18.02 -35.71
CA LEU D 77 8.68 16.61 -35.73
C LEU D 77 8.18 15.89 -36.96
N GLY D 78 7.28 16.50 -37.74
CA GLY D 78 6.92 15.96 -39.03
C GLY D 78 5.52 15.40 -39.14
N ARG D 79 5.36 14.43 -40.04
CA ARG D 79 4.04 14.06 -40.55
C ARG D 79 3.25 13.17 -39.60
N ASN D 80 3.94 12.35 -38.81
CA ASN D 80 3.25 11.48 -37.88
C ASN D 80 2.73 12.21 -36.65
N ILE D 81 3.13 13.46 -36.42
CA ILE D 81 2.77 14.18 -35.21
C ILE D 81 1.88 15.36 -35.57
N SER D 82 0.61 15.28 -35.17
N SER D 82 0.61 15.29 -35.17
CA SER D 82 -0.38 16.32 -35.37
CA SER D 82 -0.38 16.32 -35.37
C SER D 82 -0.68 17.01 -34.05
C SER D 82 -0.69 17.01 -34.04
N TYR D 83 -1.17 18.24 -34.13
CA TYR D 83 -1.60 18.99 -32.95
C TYR D 83 -3.11 19.20 -33.02
N THR D 84 -3.77 18.98 -31.89
CA THR D 84 -5.21 19.19 -31.75
C THR D 84 -5.45 19.97 -30.47
N HIS D 85 -6.11 21.12 -30.59
CA HIS D 85 -6.48 21.87 -29.40
C HIS D 85 -7.55 21.10 -28.62
N CYS D 86 -7.32 20.92 -27.32
CA CYS D 86 -8.29 20.23 -26.45
C CYS D 86 -8.08 20.69 -25.01
N ASP D 87 -9.07 21.41 -24.48
CA ASP D 87 -9.16 21.68 -23.04
C ASP D 87 -9.85 20.48 -22.40
N VAL D 88 -9.11 19.73 -21.57
CA VAL D 88 -9.60 18.44 -21.06
C VAL D 88 -10.75 18.58 -20.08
N THR D 89 -11.09 19.80 -19.65
CA THR D 89 -12.28 20.01 -18.82
C THR D 89 -13.56 20.06 -19.65
N ASP D 90 -13.46 20.14 -20.98
CA ASP D 90 -14.61 20.26 -21.85
C ASP D 90 -14.82 18.91 -22.52
N GLU D 91 -15.90 18.21 -22.17
CA GLU D 91 -16.08 16.87 -22.70
C GLU D 91 -16.22 16.87 -24.22
N ASP D 92 -16.84 17.91 -24.79
CA ASP D 92 -17.02 17.96 -26.24
C ASP D 92 -15.67 18.06 -26.96
N GLN D 93 -14.74 18.83 -26.41
CA GLN D 93 -13.43 18.91 -27.03
C GLN D 93 -12.68 17.59 -26.90
N VAL D 94 -12.85 16.92 -25.75
CA VAL D 94 -12.23 15.61 -25.55
C VAL D 94 -12.85 14.59 -26.50
N ARG D 95 -14.19 14.54 -26.55
CA ARG D 95 -14.87 13.65 -27.47
C ARG D 95 -14.38 13.82 -28.91
N ALA D 96 -14.28 15.07 -29.35
CA ALA D 96 -13.85 15.33 -30.72
C ALA D 96 -12.39 14.94 -30.93
N LEU D 97 -11.54 15.21 -29.94
CA LEU D 97 -10.12 14.89 -30.05
C LEU D 97 -9.93 13.40 -30.31
N VAL D 98 -10.72 12.57 -29.62
CA VAL D 98 -10.61 11.13 -29.79
C VAL D 98 -11.24 10.70 -31.12
N ASP D 99 -12.43 11.23 -31.44
CA ASP D 99 -13.07 10.94 -32.73
C ASP D 99 -12.19 11.41 -33.88
N ALA D 100 -11.52 12.54 -33.72
CA ALA D 100 -10.62 13.01 -34.77
C ALA D 100 -9.45 12.04 -34.94
N ALA D 101 -8.90 11.55 -33.82
CA ALA D 101 -7.74 10.66 -33.87
C ALA D 101 -8.05 9.34 -34.56
N VAL D 102 -9.21 8.75 -34.27
CA VAL D 102 -9.59 7.53 -34.98
C VAL D 102 -9.83 7.84 -36.46
N ALA D 103 -10.51 8.94 -36.75
CA ALA D 103 -10.75 9.32 -38.14
C ALA D 103 -9.44 9.49 -38.90
N LYS D 104 -8.41 10.06 -38.26
CA LYS D 104 -7.16 10.32 -38.98
C LYS D 104 -6.31 9.06 -39.13
N HIS D 105 -6.14 8.30 -38.06
CA HIS D 105 -5.19 7.18 -38.04
C HIS D 105 -5.87 5.82 -37.95
N GLY D 106 -7.19 5.76 -37.82
CA GLY D 106 -7.92 4.51 -37.81
C GLY D 106 -8.19 3.94 -36.42
N GLY D 107 -7.63 4.52 -35.38
CA GLY D 107 -7.82 4.05 -34.03
C GLY D 107 -6.79 4.69 -33.11
N VAL D 108 -6.94 4.39 -31.81
CA VAL D 108 -6.02 4.90 -30.79
C VAL D 108 -5.53 3.72 -29.97
N ASP D 109 -4.21 3.50 -29.98
CA ASP D 109 -3.63 2.42 -29.18
C ASP D 109 -3.29 2.87 -27.76
N ILE D 110 -2.82 4.09 -27.61
CA ILE D 110 -2.24 4.60 -26.37
C ILE D 110 -2.87 5.94 -26.07
N MET D 111 -3.53 6.04 -24.91
CA MET D 111 -3.98 7.33 -24.38
C MET D 111 -3.12 7.67 -23.16
N PHE D 112 -2.31 8.73 -23.28
CA PHE D 112 -1.47 9.22 -22.19
C PHE D 112 -2.12 10.47 -21.62
N SER D 113 -2.99 10.28 -20.64
CA SER D 113 -3.67 11.39 -19.98
C SER D 113 -2.69 12.01 -18.99
N ASN D 114 -2.07 13.13 -19.40
CA ASN D 114 -0.95 13.74 -18.70
C ASN D 114 -1.20 15.19 -18.31
N ALA D 115 -2.23 15.81 -18.86
CA ALA D 115 -2.51 17.21 -18.56
C ALA D 115 -2.84 17.36 -17.08
N GLY D 116 -2.28 18.40 -16.48
CA GLY D 116 -2.59 18.73 -15.10
C GLY D 116 -1.82 19.97 -14.67
N ILE D 117 -2.25 20.53 -13.55
CA ILE D 117 -1.57 21.67 -12.92
C ILE D 117 -1.03 21.24 -11.56
N VAL D 118 0.03 21.91 -11.12
CA VAL D 118 0.86 21.45 -10.00
C VAL D 118 0.73 22.40 -8.82
N GLU D 119 0.76 21.85 -7.60
CA GLU D 119 0.82 22.59 -6.35
C GLU D 119 1.92 22.01 -5.48
N GLY D 120 2.82 22.86 -5.00
CA GLY D 120 3.79 22.46 -3.99
C GLY D 120 3.15 22.37 -2.62
N PRO D 121 3.92 21.88 -1.64
CA PRO D 121 3.40 21.75 -0.27
C PRO D 121 2.80 23.06 0.23
N ASN D 122 1.65 22.96 0.89
CA ASN D 122 0.93 24.14 1.36
C ASN D 122 0.16 23.77 2.63
N SER D 123 -0.69 24.67 3.08
CA SER D 123 -1.51 24.49 4.27
C SER D 123 -2.97 24.32 3.88
N ILE D 124 -3.72 23.62 4.74
CA ILE D 124 -5.14 23.47 4.48
C ILE D 124 -5.83 24.83 4.46
N PHE D 125 -5.27 25.81 5.18
CA PHE D 125 -5.81 27.16 5.17
C PHE D 125 -5.59 27.88 3.85
N ASP D 126 -4.63 27.43 3.04
CA ASP D 126 -4.37 27.98 1.71
C ASP D 126 -5.32 27.44 0.67
N VAL D 127 -6.18 26.48 1.01
CA VAL D 127 -7.07 25.84 0.05
C VAL D 127 -8.29 26.73 -0.14
N ASP D 128 -8.44 27.29 -1.34
CA ASP D 128 -9.61 28.09 -1.68
C ASP D 128 -10.60 27.23 -2.48
N LYS D 129 -11.87 27.25 -2.06
CA LYS D 129 -12.85 26.31 -2.62
C LYS D 129 -12.92 26.39 -4.14
N ASP D 130 -12.79 27.60 -4.70
CA ASP D 130 -12.81 27.74 -6.15
C ASP D 130 -11.57 27.14 -6.78
N GLU D 131 -10.39 27.38 -6.17
N GLU D 131 -10.39 27.40 -6.18
CA GLU D 131 -9.17 26.83 -6.74
CA GLU D 131 -9.14 26.84 -6.69
C GLU D 131 -9.11 25.31 -6.56
C GLU D 131 -9.14 25.31 -6.58
N LEU D 132 -9.77 24.78 -5.52
CA LEU D 132 -9.85 23.33 -5.39
C LEU D 132 -10.68 22.73 -6.51
N GLU D 133 -11.84 23.33 -6.80
CA GLU D 133 -12.69 22.81 -7.87
C GLU D 133 -12.03 22.98 -9.22
N ARG D 134 -11.30 24.08 -9.40
CA ARG D 134 -10.59 24.30 -10.66
C ARG D 134 -9.54 23.22 -10.88
N LEU D 135 -8.74 22.92 -9.84
CA LEU D 135 -7.71 21.90 -9.97
C LEU D 135 -8.32 20.52 -10.14
N MET D 136 -9.40 20.22 -9.41
CA MET D 136 -10.07 18.94 -9.60
C MET D 136 -10.57 18.77 -11.03
N GLY D 137 -11.10 19.85 -11.61
CA GLY D 137 -11.57 19.77 -12.99
C GLY D 137 -10.49 19.40 -13.98
N ILE D 138 -9.33 20.05 -13.89
CA ILE D 138 -8.24 19.77 -14.81
C ILE D 138 -7.62 18.39 -14.52
N ASN D 139 -7.24 18.17 -13.26
CA ASN D 139 -6.42 17.00 -12.90
C ASN D 139 -7.26 15.73 -12.90
N LEU D 140 -8.44 15.75 -12.30
CA LEU D 140 -9.20 14.53 -12.09
C LEU D 140 -10.36 14.35 -13.06
N VAL D 141 -11.20 15.37 -13.23
CA VAL D 141 -12.29 15.26 -14.20
C VAL D 141 -11.72 15.09 -15.60
N GLY D 142 -10.64 15.81 -15.90
CA GLY D 142 -9.97 15.64 -17.17
C GLY D 142 -9.48 14.22 -17.39
N ALA D 143 -8.98 13.59 -16.33
CA ALA D 143 -8.56 12.20 -16.43
C ALA D 143 -9.75 11.29 -16.70
N PHE D 144 -10.88 11.54 -16.01
CA PHE D 144 -12.08 10.75 -16.24
C PHE D 144 -12.53 10.84 -17.69
N LEU D 145 -12.63 12.06 -18.22
CA LEU D 145 -13.13 12.25 -19.56
C LEU D 145 -12.18 11.65 -20.59
N ALA D 146 -10.88 11.92 -20.44
CA ALA D 146 -9.88 11.34 -21.35
C ALA D 146 -9.96 9.82 -21.35
N ALA D 147 -10.21 9.22 -20.18
CA ALA D 147 -10.30 7.77 -20.10
C ALA D 147 -11.60 7.28 -20.71
N LYS D 148 -12.71 7.95 -20.39
CA LYS D 148 -14.01 7.55 -20.90
C LYS D 148 -14.02 7.46 -22.43
N HIS D 149 -13.52 8.50 -23.10
CA HIS D 149 -13.61 8.56 -24.54
C HIS D 149 -12.50 7.80 -25.22
N ALA D 150 -11.35 7.58 -24.55
CA ALA D 150 -10.38 6.62 -25.05
C ALA D 150 -10.97 5.22 -25.00
N ALA D 151 -11.60 4.85 -23.88
CA ALA D 151 -12.25 3.55 -23.76
C ALA D 151 -13.32 3.38 -24.83
N ARG D 152 -14.01 4.47 -25.16
CA ARG D 152 -15.08 4.41 -26.16
C ARG D 152 -14.59 3.79 -27.47
N VAL D 153 -13.42 4.19 -27.94
CA VAL D 153 -12.88 3.67 -29.19
C VAL D 153 -11.91 2.49 -29.00
N MET D 154 -11.43 2.25 -27.76
CA MET D 154 -10.53 1.12 -27.55
C MET D 154 -11.29 -0.18 -27.32
N VAL D 155 -12.42 -0.10 -26.62
CA VAL D 155 -13.19 -1.31 -26.32
C VAL D 155 -13.64 -2.06 -27.57
N PRO D 156 -14.17 -1.41 -28.63
CA PRO D 156 -14.52 -2.19 -29.83
C PRO D 156 -13.34 -2.87 -30.48
N ALA D 157 -12.15 -2.26 -30.42
CA ALA D 157 -10.92 -2.86 -30.94
C ALA D 157 -10.42 -4.00 -30.07
N LYS D 158 -10.95 -4.15 -28.85
CA LYS D 158 -10.46 -5.14 -27.89
C LYS D 158 -8.97 -4.99 -27.63
N LYS D 159 -8.46 -3.76 -27.65
CA LYS D 159 -7.05 -3.53 -27.34
C LYS D 159 -6.87 -2.06 -27.02
N GLY D 160 -5.78 -1.76 -26.33
CA GLY D 160 -5.46 -0.38 -26.01
C GLY D 160 -4.80 -0.26 -24.64
N CYS D 161 -4.40 0.97 -24.34
CA CYS D 161 -3.49 1.29 -23.25
C CYS D 161 -3.79 2.70 -22.76
N ILE D 162 -4.18 2.83 -21.48
CA ILE D 162 -4.42 4.15 -20.86
C ILE D 162 -3.40 4.36 -19.74
N ILE D 163 -2.63 5.45 -19.83
CA ILE D 163 -1.63 5.78 -18.84
C ILE D 163 -1.95 7.16 -18.30
N PHE D 164 -2.02 7.27 -16.98
CA PHE D 164 -2.23 8.53 -16.30
C PHE D 164 -0.90 9.01 -15.73
N THR D 165 -0.68 10.32 -15.74
CA THR D 165 0.38 10.90 -14.93
C THR D 165 -0.21 11.18 -13.56
N ALA D 166 0.31 10.47 -12.55
CA ALA D 166 -0.08 10.71 -11.17
C ALA D 166 0.98 11.59 -10.53
N SER D 167 1.64 11.11 -9.48
CA SER D 167 2.69 11.84 -8.77
C SER D 167 3.23 11.03 -7.60
N ALA D 168 4.50 11.22 -7.26
CA ALA D 168 5.05 10.52 -6.10
C ALA D 168 4.32 10.88 -4.81
N CYS D 169 3.63 12.02 -4.79
CA CYS D 169 2.83 12.38 -3.62
C CYS D 169 1.73 11.37 -3.35
N THR D 170 1.41 10.49 -4.32
CA THR D 170 0.46 9.40 -4.08
C THR D 170 1.00 8.34 -3.13
N GLU D 171 2.29 8.41 -2.76
CA GLU D 171 2.84 7.43 -1.84
C GLU D 171 3.57 8.03 -0.65
N ILE D 172 3.72 9.35 -0.55
CA ILE D 172 4.30 9.99 0.63
C ILE D 172 3.78 11.42 0.72
N ALA D 173 3.50 11.85 1.95
CA ALA D 173 3.16 13.24 2.20
C ALA D 173 4.43 14.09 2.27
N GLY D 174 4.24 15.39 2.08
CA GLY D 174 5.33 16.32 2.20
C GLY D 174 5.90 16.85 0.90
N ILE D 175 5.33 16.49 -0.25
CA ILE D 175 5.93 16.97 -1.49
C ILE D 175 4.91 17.60 -2.41
N ALA D 176 3.68 17.83 -1.94
CA ALA D 176 2.71 18.47 -2.81
C ALA D 176 1.56 19.02 -1.98
N GLY D 177 0.78 19.92 -2.61
CA GLY D 177 -0.32 20.58 -1.93
C GLY D 177 -1.53 19.68 -1.73
N HIS D 178 -2.41 20.13 -0.82
CA HIS D 178 -3.54 19.30 -0.41
C HIS D 178 -4.46 19.01 -1.59
N SER D 179 -4.90 20.06 -2.28
CA SER D 179 -5.82 19.87 -3.39
C SER D 179 -5.19 18.98 -4.45
N TYR D 180 -3.92 19.26 -4.78
CA TYR D 180 -3.22 18.46 -5.77
C TYR D 180 -3.10 17.01 -5.31
N THR D 181 -2.75 16.79 -4.04
CA THR D 181 -2.60 15.43 -3.52
C THR D 181 -3.91 14.64 -3.67
N ALA D 182 -5.03 15.25 -3.29
CA ALA D 182 -6.29 14.55 -3.40
C ALA D 182 -6.61 14.21 -4.84
N SER D 183 -6.26 15.08 -5.77
CA SER D 183 -6.60 14.83 -7.18
C SER D 183 -5.78 13.68 -7.75
N LYS D 184 -4.53 13.55 -7.35
CA LYS D 184 -3.70 12.47 -7.86
C LYS D 184 -4.05 11.14 -7.20
N TYR D 185 -4.43 11.15 -5.92
CA TYR D 185 -4.98 9.94 -5.33
C TYR D 185 -6.21 9.49 -6.11
N GLY D 186 -7.10 10.44 -6.44
CA GLY D 186 -8.28 10.09 -7.21
C GLY D 186 -7.94 9.42 -8.53
N ILE D 187 -6.87 9.86 -9.18
CA ILE D 187 -6.45 9.25 -10.44
C ILE D 187 -6.03 7.80 -10.21
N VAL D 188 -5.24 7.54 -9.15
CA VAL D 188 -4.83 6.18 -8.83
C VAL D 188 -6.06 5.28 -8.67
N GLY D 189 -7.07 5.76 -7.94
CA GLY D 189 -8.28 4.98 -7.79
C GLY D 189 -8.99 4.75 -9.11
N LEU D 190 -9.11 5.80 -9.93
CA LEU D 190 -9.70 5.63 -11.26
C LEU D 190 -8.90 4.64 -12.11
N MET D 191 -7.57 4.73 -12.06
CA MET D 191 -6.73 3.81 -12.82
C MET D 191 -6.99 2.37 -12.43
N LYS D 192 -7.21 2.10 -11.15
CA LYS D 192 -7.40 0.73 -10.70
C LYS D 192 -8.77 0.20 -11.10
N SER D 193 -9.81 1.05 -11.05
N SER D 193 -9.82 1.05 -11.02
CA SER D 193 -11.14 0.60 -11.46
CA SER D 193 -11.14 0.63 -11.46
C SER D 193 -11.20 0.35 -12.95
C SER D 193 -11.13 0.30 -12.96
N LEU D 194 -10.48 1.15 -13.76
CA LEU D 194 -10.45 0.91 -15.18
C LEU D 194 -9.66 -0.34 -15.52
N ALA D 195 -8.55 -0.58 -14.81
CA ALA D 195 -7.76 -1.78 -15.05
C ALA D 195 -8.61 -3.04 -14.91
N VAL D 196 -9.58 -3.02 -14.00
CA VAL D 196 -10.49 -4.16 -13.84
C VAL D 196 -11.54 -4.16 -14.93
N GLU D 197 -12.26 -3.04 -15.09
CA GLU D 197 -13.35 -3.01 -16.07
C GLU D 197 -12.82 -3.25 -17.47
N LEU D 198 -11.75 -2.55 -17.85
CA LEU D 198 -11.24 -2.68 -19.20
C LEU D 198 -10.41 -3.94 -19.38
N GLY D 199 -10.00 -4.60 -18.29
CA GLY D 199 -9.32 -5.87 -18.43
C GLY D 199 -10.14 -6.89 -19.19
N SER D 200 -11.48 -6.85 -19.03
CA SER D 200 -12.34 -7.78 -19.75
C SER D 200 -12.26 -7.59 -21.26
N HIS D 201 -11.81 -6.44 -21.73
CA HIS D 201 -11.67 -6.15 -23.15
C HIS D 201 -10.21 -6.09 -23.60
N GLY D 202 -9.27 -6.57 -22.78
CA GLY D 202 -7.88 -6.60 -23.16
C GLY D 202 -7.13 -5.30 -23.10
N ILE D 203 -7.67 -4.30 -22.41
CA ILE D 203 -7.09 -2.96 -22.32
C ILE D 203 -6.41 -2.81 -20.96
N ARG D 204 -5.24 -2.19 -20.95
CA ARG D 204 -4.46 -1.95 -19.76
C ARG D 204 -4.59 -0.49 -19.31
N ALA D 205 -4.45 -0.26 -18.00
CA ALA D 205 -4.45 1.08 -17.43
C ALA D 205 -3.45 1.12 -16.27
N ASN D 206 -2.54 2.10 -16.32
CA ASN D 206 -1.49 2.27 -15.32
C ASN D 206 -1.21 3.76 -15.09
N CYS D 207 -0.50 4.04 -14.00
CA CYS D 207 -0.03 5.37 -13.66
C CYS D 207 1.50 5.41 -13.65
N VAL D 208 2.05 6.57 -13.98
CA VAL D 208 3.44 6.89 -13.71
C VAL D 208 3.45 8.04 -12.71
N SER D 209 4.24 7.90 -11.65
CA SER D 209 4.26 8.85 -10.53
C SER D 209 5.66 9.41 -10.36
N PRO D 210 6.00 10.48 -11.07
CA PRO D 210 7.36 11.03 -10.98
C PRO D 210 7.54 11.88 -9.73
N PHE D 211 8.81 12.04 -9.38
CA PHE D 211 9.28 12.89 -8.30
C PHE D 211 9.91 14.14 -8.90
N GLY D 212 9.27 15.30 -8.72
CA GLY D 212 9.73 16.58 -9.23
C GLY D 212 10.73 16.69 -10.38
N VAL D 213 10.24 17.10 -11.55
CA VAL D 213 11.03 17.29 -12.75
C VAL D 213 11.01 18.77 -13.13
N LEU D 214 12.12 19.24 -13.68
CA LEU D 214 12.25 20.63 -14.13
C LEU D 214 11.36 20.85 -15.35
N THR D 215 10.39 21.77 -15.23
CA THR D 215 9.40 22.06 -16.26
C THR D 215 8.67 23.36 -15.91
N GLY D 216 8.13 24.01 -16.94
CA GLY D 216 7.25 25.15 -16.74
C GLY D 216 8.02 26.40 -16.34
N ILE D 217 7.34 27.26 -15.58
CA ILE D 217 7.89 28.51 -15.04
C ILE D 217 8.43 29.36 -16.21
N VAL D 218 9.05 30.50 -15.89
CA VAL D 218 9.92 31.19 -16.84
C VAL D 218 11.26 30.47 -16.74
N PRO D 219 11.76 29.84 -17.82
CA PRO D 219 13.08 29.18 -17.73
C PRO D 219 14.18 30.17 -17.40
N ASP D 220 14.23 30.63 -16.15
CA ASP D 220 15.28 31.52 -15.68
C ASP D 220 16.63 30.80 -15.84
N ASP D 221 17.06 30.67 -17.10
CA ASP D 221 18.10 29.77 -17.58
C ASP D 221 19.01 29.19 -16.49
N GLU D 222 20.12 29.85 -16.19
CA GLU D 222 21.02 29.28 -15.18
C GLU D 222 20.43 29.39 -13.78
N ALA D 223 19.69 30.46 -13.49
CA ALA D 223 19.25 30.70 -12.12
C ALA D 223 18.24 29.65 -11.65
N SER D 224 17.22 29.36 -12.46
CA SER D 224 16.19 28.41 -12.06
C SER D 224 16.64 26.96 -12.22
N LYS D 225 17.42 26.66 -13.28
CA LYS D 225 17.83 25.28 -13.50
C LYS D 225 18.88 24.84 -12.49
N LEU D 226 19.86 25.71 -12.18
CA LEU D 226 20.86 25.35 -11.19
C LEU D 226 20.26 25.22 -9.79
N MET D 227 19.26 26.05 -9.47
CA MET D 227 18.69 26.02 -8.12
C MET D 227 17.83 24.78 -7.93
N PHE D 228 17.02 24.44 -8.94
CA PHE D 228 16.23 23.22 -8.91
C PHE D 228 17.12 21.99 -8.76
N GLU D 229 18.02 21.78 -9.70
CA GLU D 229 18.82 20.56 -9.74
C GLU D 229 19.84 20.51 -8.60
N GLY D 230 19.95 21.57 -7.82
CA GLY D 230 20.75 21.54 -6.61
C GLY D 230 19.91 21.13 -5.42
N ILE D 231 18.67 21.59 -5.39
CA ILE D 231 17.74 21.16 -4.34
C ILE D 231 17.45 19.68 -4.49
N MET D 232 17.08 19.26 -5.69
CA MET D 232 16.69 17.86 -5.90
C MET D 232 17.85 16.92 -5.61
N SER D 233 19.08 17.40 -5.81
CA SER D 233 20.25 16.59 -5.49
C SER D 233 20.44 16.38 -3.99
N LYS D 234 19.91 17.27 -3.14
CA LYS D 234 19.97 17.05 -1.70
C LYS D 234 18.73 16.34 -1.19
N VAL D 235 17.59 16.54 -1.86
CA VAL D 235 16.33 15.96 -1.46
C VAL D 235 16.25 14.47 -1.81
N GLY D 236 16.79 14.09 -2.98
CA GLY D 236 16.59 12.74 -3.46
C GLY D 236 17.25 11.69 -2.59
N ASN D 237 16.62 10.51 -2.57
CA ASN D 237 17.21 9.37 -1.89
C ASN D 237 18.26 8.68 -2.75
N LEU D 238 18.09 8.67 -4.07
CA LEU D 238 19.07 8.11 -4.99
C LEU D 238 20.01 9.21 -5.45
N LYS D 239 21.29 9.09 -5.10
CA LYS D 239 22.28 10.12 -5.36
C LYS D 239 22.95 9.95 -6.71
N GLY D 240 23.42 11.06 -7.26
CA GLY D 240 24.14 11.02 -8.52
C GLY D 240 23.28 10.92 -9.76
N LYS D 241 22.01 11.35 -9.68
CA LYS D 241 21.11 11.30 -10.82
C LYS D 241 19.99 12.28 -10.54
N ILE D 242 19.63 13.09 -11.53
CA ILE D 242 18.54 14.05 -11.38
C ILE D 242 17.42 13.60 -12.30
N LEU D 243 16.20 13.62 -11.80
CA LEU D 243 15.10 13.17 -12.63
C LEU D 243 14.79 14.27 -13.62
N THR D 244 14.74 13.90 -14.90
CA THR D 244 14.36 14.82 -15.96
C THR D 244 13.08 14.31 -16.59
N ALA D 245 12.39 15.21 -17.30
CA ALA D 245 11.20 14.82 -18.03
C ALA D 245 11.48 13.68 -19.02
N GLU D 246 12.70 13.62 -19.56
CA GLU D 246 13.07 12.55 -20.49
C GLU D 246 13.10 11.19 -19.79
N ASP D 247 13.49 11.17 -18.51
CA ASP D 247 13.45 9.93 -17.74
C ASP D 247 12.01 9.45 -17.58
N VAL D 248 11.09 10.37 -17.30
CA VAL D 248 9.69 10.00 -17.15
C VAL D 248 9.13 9.47 -18.46
N ALA D 249 9.47 10.12 -19.57
CA ALA D 249 8.97 9.69 -20.87
C ALA D 249 9.35 8.24 -21.17
N VAL D 250 10.57 7.85 -20.83
CA VAL D 250 11.03 6.48 -21.05
C VAL D 250 10.20 5.48 -20.23
N THR D 251 9.81 5.85 -19.00
CA THR D 251 8.95 4.95 -18.22
C THR D 251 7.55 4.86 -18.81
N VAL D 252 7.05 5.97 -19.35
CA VAL D 252 5.77 5.92 -20.08
C VAL D 252 5.90 5.02 -21.31
N LEU D 253 7.04 5.10 -22.01
CA LEU D 253 7.26 4.24 -23.17
C LEU D 253 7.22 2.76 -22.77
N TYR D 254 7.84 2.43 -21.64
CA TYR D 254 7.75 1.06 -21.13
C TYR D 254 6.31 0.65 -20.91
N LEU D 255 5.55 1.47 -20.17
CA LEU D 255 4.16 1.12 -19.86
C LEU D 255 3.31 1.05 -21.12
N ALA D 256 3.62 1.86 -22.13
CA ALA D 256 2.79 1.92 -23.32
C ALA D 256 3.12 0.84 -24.34
N SER D 257 4.27 0.18 -24.23
CA SER D 257 4.71 -0.78 -25.23
C SER D 257 4.27 -2.20 -24.88
N GLU D 258 4.50 -3.13 -25.81
CA GLU D 258 4.21 -4.54 -25.55
C GLU D 258 5.18 -5.16 -24.56
N GLU D 259 6.26 -4.47 -24.20
CA GLU D 259 7.11 -4.94 -23.12
C GLU D 259 6.41 -4.89 -21.77
N ALA D 260 5.31 -4.15 -21.66
CA ALA D 260 4.46 -4.12 -20.47
C ALA D 260 3.08 -4.74 -20.75
N SER D 261 3.02 -5.71 -21.66
CA SER D 261 1.75 -6.25 -22.16
C SER D 261 0.94 -6.98 -21.10
N TYR D 262 1.52 -7.30 -19.94
CA TYR D 262 0.76 -7.88 -18.83
C TYR D 262 0.80 -6.98 -17.60
N VAL D 263 1.19 -5.71 -17.77
CA VAL D 263 1.24 -4.77 -16.66
C VAL D 263 -0.03 -3.96 -16.70
N SER D 264 -0.84 -4.05 -15.65
CA SER D 264 -2.07 -3.28 -15.56
C SER D 264 -2.41 -3.15 -14.09
N GLY D 265 -3.04 -2.01 -13.74
CA GLY D 265 -3.39 -1.69 -12.37
C GLY D 265 -2.26 -1.11 -11.53
N VAL D 266 -1.11 -0.80 -12.14
CA VAL D 266 0.11 -0.44 -11.42
C VAL D 266 0.28 1.07 -11.37
N ASN D 267 0.58 1.60 -10.19
CA ASN D 267 1.04 2.98 -10.03
C ASN D 267 2.56 2.94 -9.90
N LEU D 268 3.25 3.18 -11.02
CA LEU D 268 4.69 2.99 -11.09
C LEU D 268 5.38 4.28 -10.68
N LEU D 269 6.05 4.26 -9.53
CA LEU D 269 6.79 5.42 -9.05
C LEU D 269 8.13 5.56 -9.75
N VAL D 270 8.46 6.80 -10.15
CA VAL D 270 9.79 7.12 -10.65
C VAL D 270 10.37 8.17 -9.71
N ASP D 271 10.94 7.73 -8.58
CA ASP D 271 11.23 8.66 -7.50
C ASP D 271 12.54 8.35 -6.79
N GLY D 272 13.35 7.42 -7.31
CA GLY D 272 14.62 7.06 -6.70
C GLY D 272 14.52 6.58 -5.27
N GLY D 273 13.35 6.09 -4.87
CA GLY D 273 13.11 5.63 -3.53
C GLY D 273 12.71 6.69 -2.53
N TYR D 274 12.42 7.91 -2.98
CA TYR D 274 12.11 9.00 -2.03
C TYR D 274 10.95 8.62 -1.11
N THR D 275 9.93 7.97 -1.66
CA THR D 275 8.71 7.73 -0.90
C THR D 275 8.80 6.53 0.04
N VAL D 276 9.92 5.78 0.08
CA VAL D 276 9.96 4.60 0.95
C VAL D 276 10.70 4.86 2.24
N VAL D 277 11.18 6.07 2.48
CA VAL D 277 12.01 6.39 3.63
C VAL D 277 11.47 7.64 4.32
N ASN D 278 11.49 7.61 5.65
CA ASN D 278 11.42 8.82 6.48
C ASN D 278 12.75 8.89 7.21
N PRO D 279 13.68 9.72 6.78
CA PRO D 279 15.02 9.73 7.37
C PRO D 279 15.13 10.54 8.65
N THR D 280 14.02 11.03 9.22
CA THR D 280 14.10 11.90 10.38
C THR D 280 14.85 11.23 11.52
N PHE D 281 14.45 10.01 11.87
CA PHE D 281 15.07 9.32 12.98
C PHE D 281 16.58 9.17 12.78
N ILE D 282 17.00 8.73 11.59
CA ILE D 282 18.43 8.54 11.34
C ILE D 282 19.16 9.88 11.35
N ASN D 283 18.53 10.92 10.79
CA ASN D 283 19.12 12.25 10.83
C ASN D 283 19.31 12.74 12.27
N VAL D 284 18.32 12.50 13.12
CA VAL D 284 18.31 13.05 14.47
C VAL D 284 19.34 12.37 15.36
N ILE D 285 19.47 11.05 15.26
CA ILE D 285 20.38 10.36 16.17
C ILE D 285 21.84 10.55 15.80
N THR D 286 22.12 10.98 14.57
CA THR D 286 23.49 11.19 14.11
C THR D 286 23.81 12.65 13.81
N ALA D 287 22.97 13.58 14.28
CA ALA D 287 23.15 15.02 14.07
C ALA D 287 22.06 15.76 14.83
CAA PXN E . -4.35 -19.33 0.24
CAB PXN E . -7.01 -27.59 -2.38
CAC PXN E . -6.55 -21.90 1.01
OAD PXN E . -6.25 -21.05 2.08
CAE PXN E . -6.20 -19.67 1.80
CAF PXN E . -4.73 -19.21 1.72
OAG PXN E . -4.51 -17.89 2.19
OAH PXN E . -5.70 -25.62 -2.41
CAI PXN E . -7.01 -26.07 -2.34
CAJ PXN E . -7.69 -25.59 -1.04
OAK PXN E . -7.14 -24.39 -0.54
CAL PXN E . -8.12 -23.61 0.10
CAM PXN E . -7.64 -22.90 1.38
CAN PXN E . -7.11 -23.93 2.39
OAO PXN E . -6.18 -24.82 1.82
CAP PXN E . -6.30 -26.17 2.21
CAQ PXN E . -5.30 -27.13 1.52
OAR PXN E . -4.28 -27.55 2.40
OAS PXN E . -10.63 -18.46 -0.10
CAT PXN E . -10.93 -19.28 1.01
CAU PXN E . -9.70 -20.06 1.50
OAV PXN E . -9.67 -21.44 1.16
CAW PXN E . -8.86 -22.19 2.03
CAX PXN E . -4.62 -26.53 0.28
CAY PXN E . -11.43 -18.38 2.14
PA NAD F . 12.41 -22.37 -11.50
O1A NAD F . 12.08 -22.79 -10.08
O2A NAD F . 12.67 -23.59 -12.35
O5B NAD F . 13.80 -21.42 -11.41
C5B NAD F . 14.24 -21.03 -10.10
C4B NAD F . 15.65 -21.65 -9.85
O4B NAD F . 16.06 -21.45 -8.30
C3B NAD F . 15.64 -22.94 -10.09
O3B NAD F . 16.37 -23.27 -11.36
C2B NAD F . 16.33 -23.59 -8.85
O2B NAD F . 17.32 -24.47 -9.20
C1B NAD F . 16.95 -22.39 -8.14
N9A NAD F . 17.18 -22.74 -6.76
C8A NAD F . 16.54 -23.32 -5.76
N7A NAD F . 17.43 -23.36 -4.72
C5A NAD F . 18.59 -22.80 -5.13
C6A NAD F . 19.82 -22.58 -4.45
N6A NAD F . 19.95 -22.95 -3.17
N1A NAD F . 20.82 -21.99 -5.10
C2A NAD F . 20.67 -21.61 -6.43
N3A NAD F . 19.50 -21.82 -7.09
C4A NAD F . 18.46 -22.42 -6.41
O3 NAD F . 11.19 -21.52 -12.23
PN NAD F . 10.87 -19.85 -12.07
O1N NAD F . 9.34 -19.64 -11.91
O2N NAD F . 11.31 -19.13 -13.31
O5D NAD F . 11.62 -19.30 -10.70
C5D NAD F . 12.10 -17.97 -10.53
C4D NAD F . 11.42 -17.24 -9.39
O4D NAD F . 9.94 -16.81 -9.88
C3D NAD F . 11.30 -17.89 -8.23
O3D NAD F . 11.84 -17.08 -7.02
C2D NAD F . 9.81 -18.05 -8.06
O2D NAD F . 9.45 -17.97 -6.73
C1D NAD F . 9.26 -16.80 -8.81
N1N NAD F . 7.79 -16.92 -9.11
C2N NAD F . 7.35 -17.86 -10.01
C3N NAD F . 5.99 -17.96 -10.29
C7N NAD F . 5.48 -19.04 -11.31
O7N NAD F . 4.38 -18.94 -11.77
N7N NAD F . 6.37 -20.17 -11.71
C4N NAD F . 5.09 -17.12 -9.67
C5N NAD F . 5.54 -16.18 -8.76
C6N NAD F . 6.90 -16.06 -8.49
PA NAD G . 10.87 -6.46 25.38
O1A NAD G . 12.29 -6.89 25.61
O2A NAD G . 10.36 -5.92 26.68
O5B NAD G . 9.92 -7.74 24.87
C5B NAD G . 10.44 -8.74 23.98
C4B NAD G . 9.96 -10.11 24.55
O4B NAD G . 10.29 -11.32 23.54
C3B NAD G . 10.62 -10.32 25.66
O3B NAD G . 9.67 -10.60 26.79
C2B NAD G . 11.54 -11.55 25.34
O2B NAD G . 11.82 -12.34 26.42
C1B NAD G . 10.70 -12.30 24.32
N9A NAD G . 11.55 -13.25 23.62
C8A NAD G . 12.72 -13.22 22.99
N7A NAD G . 12.93 -14.50 22.59
C5A NAD G . 11.89 -15.29 22.96
C6A NAD G . 11.63 -16.66 22.79
N6A NAD G . 12.51 -17.43 22.13
N1A NAD G . 10.49 -17.19 23.28
C2A NAD G . 9.60 -16.38 23.96
N3A NAD G . 9.84 -15.06 24.14
C4A NAD G . 11.01 -14.51 23.63
O3 NAD G . 10.76 -5.30 24.19
PN NAD G . 9.42 -5.07 23.15
O1N NAD G . 9.67 -3.83 22.26
O2N NAD G . 8.21 -4.81 24.01
O5D NAD G . 9.24 -6.39 22.16
C5D NAD G . 7.97 -6.83 21.73
C4D NAD G . 7.78 -6.59 20.24
O4D NAD G . 7.56 -5.00 19.92
C3D NAD G . 8.82 -6.99 19.52
O3D NAD G . 8.39 -7.98 18.41
C2D NAD G . 9.37 -5.73 18.91
O2D NAD G . 9.94 -5.92 17.69
C1D NAD G . 8.08 -4.86 18.77
N1N NAD G . 8.46 -3.43 18.50
C2N NAD G . 9.10 -2.72 19.49
C3N NAD G . 9.48 -1.40 19.26
C7N NAD G . 10.22 -0.61 20.41
O7N NAD G . 10.40 0.56 20.35
N7N NAD G . 10.70 -1.39 21.58
C4N NAD G . 9.21 -0.81 18.04
C5N NAD G . 8.57 -1.53 17.04
C6N NAD G . 8.18 -2.86 17.28
PA NAD H . -26.68 7.57 4.61
O1A NAD H . -27.27 8.17 3.36
O2A NAD H . -27.77 6.94 5.44
O5B NAD H . -25.87 8.73 5.52
C5B NAD H . -25.16 9.76 4.82
C4B NAD H . -25.76 11.16 5.19
O4B NAD H . -25.05 12.31 4.30
C3B NAD H . -27.03 11.17 4.90
O3B NAD H . -27.84 11.51 6.12
C2B NAD H . -27.21 12.26 3.81
O2B NAD H . -28.37 12.96 4.00
C1B NAD H . -26.02 13.16 4.05
N9A NAD H . -25.80 13.95 2.86
C8A NAD H . -25.93 13.84 1.53
N7A NAD H . -25.53 15.04 1.03
C5A NAD H . -25.17 15.85 2.05
C6A NAD H . -24.69 17.17 2.10
N6A NAD H . -24.52 17.85 0.95
N1A NAD H . -24.40 17.74 3.26
C2A NAD H . -24.57 17.04 4.46
N3A NAD H . -25.04 15.77 4.42
C4A NAD H . -25.34 15.18 3.21
O3 NAD H . -25.61 6.39 4.18
PN NAD H . -24.07 6.19 4.87
O1N NAD H . -23.47 4.92 4.27
O2N NAD H . -24.17 6.04 6.37
O5D NAD H . -23.13 7.48 4.47
C5D NAD H . -22.07 7.86 5.31
C4D NAD H . -20.75 7.58 4.58
O4D NAD H . -20.45 5.99 4.63
C3D NAD H . -20.82 7.93 3.30
O3D NAD H . -19.70 8.92 2.95
C2D NAD H . -20.61 6.66 2.52
O2D NAD H . -19.83 6.92 1.42
C1D NAD H . -19.84 5.75 3.54
N1N NAD H . -19.85 4.29 3.20
C2N NAD H . -21.00 3.54 3.40
C3N NAD H . -21.01 2.18 3.09
C7N NAD H . -22.33 1.34 3.33
O7N NAD H . -22.38 0.21 2.94
N7N NAD H . -23.49 1.93 4.04
C4N NAD H . -19.88 1.58 2.58
C5N NAD H . -18.74 2.33 2.38
C6N NAD H . -18.72 3.70 2.70
CAA PXN I . 5.51 27.74 2.22
CAB PXN I . 6.39 18.40 8.47
CAC PXN I . 4.92 24.11 4.94
OAD PXN I . 4.16 24.68 3.91
CAE PXN I . 4.40 26.06 3.72
CAF PXN I . 5.21 26.26 2.45
OAG PXN I . 6.40 25.52 2.54
OAH PXN I . 4.96 19.89 9.71
CAI PXN I . 5.85 19.83 8.62
CAJ PXN I . 5.12 20.24 7.33
OAK PXN I . 4.37 21.43 7.49
CAL PXN I . 4.92 22.57 6.87
CAM PXN I . 4.02 23.21 5.81
CAN PXN I . 2.87 24.02 6.44
OAO PXN I . 3.20 25.37 6.61
CAP PXN I . 3.58 25.74 7.91
CAQ PXN I . 3.66 27.27 8.05
OAR PXN I . 4.43 27.82 7.02
OAS PXN I . 3.35 19.17 3.76
CAT PXN I . 2.38 19.15 4.77
CAU PXN I . 1.70 20.52 4.85
OAV PXN I . 2.43 21.42 5.64
CAW PXN I . 3.39 22.14 4.91
CAX PXN I . 4.28 27.62 9.41
CAY PXN I . 1.33 18.09 4.44
PA NAD J . 3.77 21.39 -17.92
O1A NAD J . 2.82 22.41 -17.34
O2A NAD J . 4.81 22.11 -18.75
O5B NAD J . 2.92 20.33 -18.89
C5B NAD J . 1.52 20.13 -18.59
C4B NAD J . 0.61 20.60 -19.77
O4B NAD J . -0.92 20.54 -19.27
C3B NAD J . 0.86 21.84 -20.13
O3B NAD J . 1.46 21.88 -21.52
C2B NAD J . -0.52 22.59 -20.07
O2B NAD J . -0.73 23.37 -21.19
C1B NAD J . -1.53 21.47 -19.98
N9A NAD J . -2.79 21.92 -19.36
C8A NAD J . -3.21 22.63 -18.32
N7A NAD J . -4.57 22.63 -18.39
C5A NAD J . -4.95 21.92 -19.48
C6A NAD J . -6.22 21.62 -20.01
N6A NAD J . -7.30 22.08 -19.39
N1A NAD J . -6.32 20.87 -21.12
C2A NAD J . -5.18 20.41 -21.76
N3A NAD J . -3.96 20.70 -21.26
C4A NAD J . -3.85 21.46 -20.10
O3 NAD J . 4.51 20.57 -16.70
PN NAD J . 4.54 18.87 -16.44
O1N NAD J . 5.51 18.59 -15.27
O2N NAD J . 5.01 18.15 -17.68
O5D NAD J . 3.02 18.36 -16.07
C5D NAD J . 2.52 17.13 -16.58
C4D NAD J . 1.92 16.24 -15.47
O4D NAD J . 3.09 15.69 -14.50
C3D NAD J . 1.03 16.89 -14.73
O3D NAD J . -0.30 16.12 -14.62
C2D NAD J . 1.69 17.06 -13.37
O2D NAD J . 0.73 17.02 -12.37
C1D NAD J . 2.68 15.83 -13.29
N1N NAD J . 3.85 15.97 -12.33
C2N NAD J . 4.80 16.95 -12.57
C3N NAD J . 5.88 17.10 -11.70
C7N NAD J . 6.93 18.23 -12.02
O7N NAD J . 7.80 18.48 -11.25
N7N NAD J . 6.82 19.00 -13.30
C4N NAD J . 6.00 16.29 -10.59
C5N NAD J . 5.05 15.31 -10.35
C6N NAD J . 3.96 15.15 -11.24
CL CL K . 5.54 4.97 1.35
#